data_2I37
#
_entry.id   2I37
#
_cell.length_a   161.245
_cell.length_b   161.245
_cell.length_c   143.442
_cell.angle_alpha   90.000
_cell.angle_beta   90.000
_cell.angle_gamma   120.000
#
_symmetry.space_group_name_H-M   'P 31 1 2'
#
loop_
_entity.id
_entity.type
_entity.pdbx_description
1 polymer Rhodopsin
2 branched alpha-D-mannopyranose-(1-4)-2-acetamido-2-deoxy-beta-D-glucopyranose-(1-4)-2-acetamido-2-deoxy-beta-D-glucopyranose
3 branched 2-acetamido-2-deoxy-beta-D-glucopyranose-(1-4)-2-acetamido-2-deoxy-beta-D-glucopyranose
4 branched 2-acetamido-2-deoxy-beta-D-glucopyranose-(1-2)-beta-D-mannopyranose-(1-3)-alpha-D-mannopyranose-(1-4)-2-acetamido-2-deoxy-beta-D-glucopyranose-(1-4)-2-acetamido-2-deoxy-beta-D-glucopyranose
5 branched alpha-D-mannopyranose-(1-3)-alpha-D-mannopyranose-(1-4)-2-acetamido-2-deoxy-beta-D-glucopyranose-(1-4)-2-acetamido-2-deoxy-beta-D-glucopyranose
#
_entity_poly.entity_id   1
_entity_poly.type   'polypeptide(L)'
_entity_poly.pdbx_seq_one_letter_code
;(ACE)MNGTEGPNFYVPFSNKTGVVRSPFEAPQYYLAEPWQFSMLAAYMFLLIMLGFPINFLTLYVTVQHKKLRTPLNYI
LLNLAVADLFMVFGGFTTTLYTSLHGYFVFGPTGCNLEGFFATLGGEIALWSLVVLAIERYVVVCKPMSNFRFGENHAIM
GVAFTWVMALACAAPPLVGWSRYIPEGMQCSCGIDYYTPHEETNNESFVIYMFVVHFIIPLIVIFFCYGQLVFTVKEAAA
QQQESATTQKAEKEVTRMVIIMVIAFLICWLPYAGVAFYIFTHQGSDFGPIFMTIPAFFAKTSAVYNPVIYIMMNKQFRN
CMVTTLCCGKNPLGDDEASTTVSKTETSQVAPA
;
_entity_poly.pdbx_strand_id   A,B,C
#
loop_
_chem_comp.id
_chem_comp.type
_chem_comp.name
_chem_comp.formula
ACE non-polymer 'ACETYL GROUP' 'C2 H4 O'
BMA D-saccharide, beta linking beta-D-mannopyranose 'C6 H12 O6'
MAN D-saccharide, alpha linking alpha-D-mannopyranose 'C6 H12 O6'
NAG D-saccharide, beta linking 2-acetamido-2-deoxy-beta-D-glucopyranose 'C8 H15 N O6'
#
# COMPACT_ATOMS: atom_id res chain seq x y z
C ACE A 1 35.95 -20.39 29.34
O ACE A 1 36.86 -19.65 29.71
CH3 ACE A 1 34.86 -20.84 30.28
N MET A 2 35.81 -20.82 28.09
CA MET A 2 35.92 -19.91 26.95
C MET A 2 35.14 -18.63 27.23
N ASN A 3 35.85 -17.52 27.40
CA ASN A 3 35.22 -16.23 27.63
C ASN A 3 34.71 -15.63 26.32
N GLY A 4 33.59 -16.16 25.84
CA GLY A 4 33.01 -15.77 24.55
C GLY A 4 32.44 -16.95 23.79
N THR A 5 32.27 -16.79 22.48
CA THR A 5 31.82 -17.88 21.61
C THR A 5 32.13 -17.53 20.15
N GLU A 6 32.67 -18.48 19.40
CA GLU A 6 33.23 -18.21 18.07
C GLU A 6 32.52 -18.95 16.94
N GLY A 7 32.61 -18.39 15.73
CA GLY A 7 32.10 -19.02 14.51
C GLY A 7 32.86 -18.59 13.25
N PRO A 8 32.34 -18.93 12.06
CA PRO A 8 33.02 -18.62 10.81
C PRO A 8 32.96 -17.15 10.43
N ASN A 9 31.87 -16.47 10.78
CA ASN A 9 31.71 -15.07 10.43
C ASN A 9 31.16 -14.25 11.60
N PHE A 10 31.50 -14.66 12.83
CA PHE A 10 31.02 -13.95 14.02
C PHE A 10 31.79 -14.26 15.31
N TYR A 11 32.10 -13.20 16.06
CA TYR A 11 32.65 -13.30 17.41
C TYR A 11 31.72 -12.51 18.31
N VAL A 12 31.43 -13.07 19.48
CA VAL A 12 30.52 -12.44 20.42
C VAL A 12 31.01 -12.66 21.85
N PRO A 13 31.05 -11.60 22.66
CA PRO A 13 31.55 -11.74 24.03
C PRO A 13 30.49 -12.25 25.02
N PHE A 14 30.16 -13.53 24.92
CA PHE A 14 29.34 -14.19 25.94
C PHE A 14 29.55 -15.69 25.91
N SER A 15 29.57 -16.30 27.09
CA SER A 15 29.86 -17.72 27.23
C SER A 15 28.62 -18.56 27.01
N ASN A 16 28.71 -19.55 26.11
CA ASN A 16 27.62 -20.52 25.91
C ASN A 16 27.54 -21.56 27.04
N LYS A 17 28.46 -21.45 28.01
CA LYS A 17 28.35 -22.15 29.30
C LYS A 17 26.92 -22.12 29.83
N THR A 18 26.27 -20.96 29.68
CA THR A 18 24.86 -20.80 30.04
C THR A 18 23.96 -21.13 28.83
N GLY A 19 24.29 -22.21 28.13
CA GLY A 19 23.53 -22.70 26.98
C GLY A 19 22.46 -21.80 26.42
N VAL A 20 22.85 -20.63 25.94
CA VAL A 20 21.91 -19.69 25.32
C VAL A 20 22.52 -18.82 24.19
N VAL A 21 23.81 -18.99 23.90
CA VAL A 21 24.47 -18.16 22.90
C VAL A 21 24.13 -18.68 21.51
N ARG A 22 24.14 -17.78 20.53
CA ARG A 22 23.81 -18.13 19.16
C ARG A 22 24.17 -16.99 18.20
N SER A 23 24.12 -17.26 16.91
CA SER A 23 24.55 -16.31 15.87
C SER A 23 23.80 -14.97 15.96
N PRO A 24 24.47 -13.87 15.59
CA PRO A 24 23.79 -12.56 15.61
C PRO A 24 23.17 -12.21 14.27
N PHE A 25 22.94 -13.21 13.42
CA PHE A 25 22.54 -13.01 12.03
C PHE A 25 21.09 -13.45 11.76
N GLU A 26 20.49 -14.21 12.66
CA GLU A 26 19.11 -14.65 12.52
C GLU A 26 18.26 -14.30 13.75
N ALA A 27 18.85 -14.44 14.94
CA ALA A 27 18.14 -14.19 16.18
C ALA A 27 18.70 -12.94 16.84
N PRO A 28 17.97 -12.39 17.83
CA PRO A 28 18.48 -11.22 18.52
C PRO A 28 19.40 -11.61 19.68
N GLN A 29 20.38 -10.76 19.97
CA GLN A 29 21.37 -11.04 21.00
C GLN A 29 20.99 -10.39 22.33
N TYR A 30 19.76 -10.65 22.80
CA TYR A 30 19.24 -10.03 24.03
C TYR A 30 19.89 -10.55 25.32
N TYR A 31 20.75 -11.57 25.21
CA TYR A 31 21.54 -12.06 26.36
C TYR A 31 22.87 -11.32 26.52
N LEU A 32 23.11 -10.29 25.70
CA LEU A 32 24.29 -9.45 25.83
C LEU A 32 24.04 -8.31 26.81
N ALA A 33 22.83 -7.78 26.80
CA ALA A 33 22.46 -6.66 27.66
C ALA A 33 20.95 -6.65 27.90
N GLU A 34 20.48 -5.67 28.65
CA GLU A 34 19.06 -5.53 28.93
C GLU A 34 18.35 -4.87 27.74
N PRO A 35 17.10 -5.30 27.42
CA PRO A 35 16.35 -4.78 26.28
C PRO A 35 16.35 -3.25 26.15
N TRP A 36 16.14 -2.55 27.27
CA TRP A 36 16.04 -1.10 27.28
C TRP A 36 17.31 -0.40 26.83
N GLN A 37 18.47 -0.98 27.13
CA GLN A 37 19.75 -0.37 26.73
C GLN A 37 19.88 -0.21 25.22
N PHE A 38 19.36 -1.16 24.46
CA PHE A 38 19.39 -1.09 23.00
C PHE A 38 18.59 0.10 22.50
N SER A 39 17.39 0.27 23.04
CA SER A 39 16.52 1.40 22.68
C SER A 39 17.24 2.74 22.78
N MET A 40 18.10 2.87 23.78
CA MET A 40 18.87 4.10 23.94
C MET A 40 19.89 4.24 22.81
N LEU A 41 20.57 3.15 22.45
CA LEU A 41 21.52 3.20 21.34
C LEU A 41 20.83 3.64 20.04
N ALA A 42 19.55 3.32 19.90
CA ALA A 42 18.76 3.81 18.78
C ALA A 42 18.50 5.30 18.94
N ALA A 43 17.95 5.70 20.09
CA ALA A 43 17.67 7.10 20.39
C ALA A 43 18.94 7.93 20.19
N TYR A 44 20.05 7.40 20.68
CA TYR A 44 21.37 7.95 20.42
C TYR A 44 21.58 8.04 18.92
N MET A 45 21.37 6.93 18.22
CA MET A 45 21.62 6.84 16.78
C MET A 45 20.77 7.81 15.96
N PHE A 46 19.49 7.95 16.31
CA PHE A 46 18.59 8.84 15.59
C PHE A 46 19.13 10.27 15.59
N LEU A 47 19.65 10.72 16.73
CA LEU A 47 20.23 12.05 16.85
C LEU A 47 21.44 12.20 15.94
N LEU A 48 22.23 11.14 15.80
CA LEU A 48 23.40 11.13 14.91
C LEU A 48 22.99 11.29 13.44
N ILE A 49 21.82 10.77 13.09
CA ILE A 49 21.26 10.96 11.75
C ILE A 49 20.61 12.34 11.64
N MET A 50 19.85 12.71 12.66
CA MET A 50 19.10 13.96 12.67
C MET A 50 19.97 15.19 12.47
N LEU A 51 20.93 15.36 13.37
CA LEU A 51 21.75 16.58 13.38
C LEU A 51 22.88 16.52 12.35
N GLY A 52 23.34 15.32 12.04
CA GLY A 52 24.43 15.14 11.09
C GLY A 52 24.07 15.56 9.68
N PHE A 53 23.14 14.83 9.06
CA PHE A 53 22.75 15.05 7.67
C PHE A 53 22.63 16.54 7.29
N PRO A 54 21.75 17.30 7.96
CA PRO A 54 21.47 18.67 7.51
C PRO A 54 22.67 19.59 7.60
N ILE A 55 23.38 19.57 8.73
CA ILE A 55 24.46 20.52 8.95
C ILE A 55 25.62 20.25 7.99
N ASN A 56 25.79 19.00 7.58
CA ASN A 56 26.76 18.63 6.54
C ASN A 56 26.25 18.99 5.15
N PHE A 57 25.03 18.54 4.84
CA PHE A 57 24.39 18.78 3.54
C PHE A 57 24.11 20.27 3.30
N LEU A 58 23.85 21.01 4.37
CA LEU A 58 23.62 22.45 4.26
C LEU A 58 24.91 23.20 3.94
N THR A 59 26.02 22.75 4.54
CA THR A 59 27.34 23.31 4.22
C THR A 59 27.77 22.93 2.81
N LEU A 60 27.31 21.78 2.33
CA LEU A 60 27.52 21.37 0.94
C LEU A 60 26.73 22.27 -0.02
N TYR A 61 25.54 22.71 0.42
CA TYR A 61 24.64 23.54 -0.39
C TYR A 61 24.92 25.04 -0.25
N VAL A 62 25.40 25.46 0.93
CA VAL A 62 25.83 26.83 1.16
C VAL A 62 27.01 27.18 0.23
N THR A 63 28.02 26.32 0.23
CA THR A 63 29.26 26.56 -0.52
C THR A 63 29.07 26.51 -2.04
N VAL A 64 28.31 25.53 -2.52
CA VAL A 64 28.04 25.36 -3.95
C VAL A 64 27.34 26.60 -4.56
N GLN A 65 26.42 27.21 -3.81
CA GLN A 65 25.77 28.43 -4.24
C GLN A 65 26.67 29.63 -4.01
N HIS A 66 27.18 29.76 -2.78
CA HIS A 66 28.08 30.86 -2.41
C HIS A 66 29.52 30.58 -2.86
N LYS A 67 29.89 31.10 -4.02
CA LYS A 67 31.20 30.82 -4.63
C LYS A 67 32.38 31.57 -3.97
N LYS A 68 32.10 32.45 -3.01
CA LYS A 68 33.16 33.19 -2.33
C LYS A 68 33.83 32.40 -1.18
N LEU A 69 33.43 31.14 -0.99
CA LEU A 69 34.05 30.26 0.03
C LEU A 69 34.89 29.15 -0.63
N ARG A 70 35.66 29.52 -1.64
CA ARG A 70 36.61 28.61 -2.30
C ARG A 70 37.98 28.72 -1.63
N THR A 71 38.00 28.98 -0.32
CA THR A 71 39.23 29.23 0.40
C THR A 71 39.84 27.88 0.83
N PRO A 72 41.18 27.80 0.89
CA PRO A 72 41.86 26.57 1.37
C PRO A 72 41.46 26.14 2.79
N LEU A 73 40.91 27.07 3.58
CA LEU A 73 40.28 26.75 4.87
C LEU A 73 38.98 25.97 4.65
N ASN A 74 38.08 26.55 3.86
CA ASN A 74 36.76 25.96 3.60
C ASN A 74 36.82 24.74 2.66
N TYR A 75 37.91 24.60 1.92
CA TYR A 75 38.14 23.44 1.03
C TYR A 75 38.21 22.13 1.81
N ILE A 76 38.98 22.13 2.89
CA ILE A 76 39.11 20.96 3.75
C ILE A 76 37.81 20.69 4.49
N LEU A 77 37.16 21.74 5.00
CA LEU A 77 35.88 21.58 5.71
C LEU A 77 34.66 21.50 4.77
N LEU A 78 34.91 21.41 3.46
CA LEU A 78 33.91 20.93 2.51
C LEU A 78 34.19 19.47 2.12
N ASN A 79 35.38 18.96 2.48
CA ASN A 79 35.73 17.55 2.30
C ASN A 79 35.16 16.66 3.41
N LEU A 80 35.10 17.21 4.63
CA LEU A 80 34.58 16.48 5.78
C LEU A 80 33.06 16.37 5.77
N ALA A 81 32.39 17.47 5.42
CA ALA A 81 30.92 17.46 5.25
C ALA A 81 30.51 16.39 4.23
N VAL A 82 31.26 16.30 3.14
CA VAL A 82 31.08 15.24 2.13
C VAL A 82 31.19 13.85 2.76
N ALA A 83 32.29 13.60 3.45
CA ALA A 83 32.57 12.30 4.07
C ALA A 83 31.62 11.96 5.23
N ASP A 84 31.07 12.99 5.86
CA ASP A 84 30.07 12.82 6.94
C ASP A 84 28.76 12.24 6.41
N LEU A 85 28.35 12.71 5.23
CA LEU A 85 27.08 12.29 4.62
C LEU A 85 27.06 10.80 4.24
N PHE A 86 28.24 10.23 3.96
CA PHE A 86 28.36 8.79 3.74
C PHE A 86 28.12 8.01 5.02
N MET A 87 28.55 8.56 6.15
CA MET A 87 28.32 7.93 7.45
C MET A 87 26.88 8.08 7.94
N VAL A 88 26.14 9.03 7.39
CA VAL A 88 24.73 9.17 7.74
C VAL A 88 23.88 8.17 6.95
N PHE A 89 23.86 8.32 5.63
CA PHE A 89 23.07 7.44 4.76
C PHE A 89 23.62 6.01 4.71
N GLY A 90 24.91 5.85 4.99
CA GLY A 90 25.53 4.52 5.04
C GLY A 90 25.67 4.02 6.45
N GLY A 91 26.68 4.52 7.16
CA GLY A 91 27.07 4.01 8.48
C GLY A 91 26.04 4.11 9.60
N PHE A 92 25.26 5.19 9.60
CA PHE A 92 24.27 5.41 10.66
C PHE A 92 22.95 4.69 10.39
N THR A 93 22.41 4.84 9.18
CA THR A 93 21.19 4.13 8.80
C THR A 93 21.38 2.63 9.03
N THR A 94 22.44 2.08 8.44
CA THR A 94 22.76 0.67 8.58
C THR A 94 22.57 0.21 10.02
N THR A 95 23.24 0.89 10.95
CA THR A 95 23.21 0.49 12.34
C THR A 95 21.89 0.82 13.04
N LEU A 96 21.24 1.91 12.62
CA LEU A 96 19.96 2.30 13.22
C LEU A 96 18.99 1.11 13.20
N TYR A 97 18.79 0.56 12.00
CA TYR A 97 18.00 -0.64 11.79
C TYR A 97 18.32 -1.69 12.85
N THR A 98 19.61 -1.94 13.02
CA THR A 98 20.12 -3.02 13.86
C THR A 98 19.76 -2.82 15.33
N SER A 99 20.03 -1.62 15.85
CA SER A 99 19.79 -1.30 17.26
C SER A 99 18.34 -1.56 17.65
N LEU A 100 17.42 -1.30 16.72
CA LEU A 100 16.00 -1.34 17.00
C LEU A 100 15.49 -2.77 17.19
N HIS A 101 15.90 -3.66 16.30
CA HIS A 101 15.52 -5.08 16.39
C HIS A 101 16.43 -5.86 17.33
N GLY A 102 17.72 -5.54 17.29
CA GLY A 102 18.71 -6.19 18.15
C GLY A 102 19.46 -7.32 17.47
N TYR A 103 19.72 -7.17 16.18
CA TYR A 103 20.51 -8.14 15.40
C TYR A 103 20.79 -7.64 13.98
N PHE A 104 21.97 -7.99 13.46
CA PHE A 104 22.34 -7.65 12.07
C PHE A 104 21.49 -8.44 11.09
N VAL A 105 20.50 -7.77 10.50
CA VAL A 105 19.58 -8.41 9.57
C VAL A 105 20.13 -8.30 8.14
N PHE A 106 20.85 -7.21 7.87
CA PHE A 106 21.46 -6.98 6.55
C PHE A 106 22.41 -8.11 6.13
N GLY A 107 22.88 -8.90 7.09
CA GLY A 107 23.65 -10.10 6.80
C GLY A 107 25.14 -9.89 6.92
N PRO A 108 25.94 -10.85 6.41
CA PRO A 108 27.40 -10.73 6.44
C PRO A 108 27.89 -9.62 5.52
N THR A 109 27.36 -9.61 4.30
CA THR A 109 27.64 -8.54 3.34
C THR A 109 27.24 -7.17 3.91
N GLY A 110 26.18 -7.14 4.71
CA GLY A 110 25.73 -5.93 5.38
C GLY A 110 26.73 -5.38 6.38
N CYS A 111 27.34 -6.27 7.14
CA CYS A 111 28.39 -5.89 8.06
C CYS A 111 29.60 -5.32 7.29
N ASN A 112 29.83 -5.81 6.08
CA ASN A 112 30.93 -5.32 5.25
C ASN A 112 30.64 -3.99 4.53
N LEU A 113 29.41 -3.48 4.67
CA LEU A 113 29.06 -2.16 4.10
C LEU A 113 29.32 -1.03 5.10
N GLU A 114 28.80 -1.18 6.32
CA GLU A 114 28.99 -0.17 7.36
C GLU A 114 30.47 0.09 7.63
N GLY A 115 31.24 -0.98 7.81
CA GLY A 115 32.65 -0.90 8.12
C GLY A 115 33.46 -0.17 7.06
N PHE A 116 33.29 -0.58 5.81
CA PHE A 116 33.94 0.10 4.69
C PHE A 116 33.67 1.60 4.71
N PHE A 117 32.44 1.98 5.06
CA PHE A 117 32.07 3.40 5.16
C PHE A 117 32.52 4.05 6.46
N ALA A 118 32.23 3.41 7.59
CA ALA A 118 32.49 4.01 8.91
C ALA A 118 33.98 4.22 9.21
N THR A 119 34.83 3.37 8.62
CA THR A 119 36.27 3.55 8.72
C THR A 119 36.75 4.60 7.72
N LEU A 120 36.04 4.72 6.60
CA LEU A 120 36.37 5.70 5.56
C LEU A 120 36.21 7.13 6.10
N GLY A 121 35.08 7.39 6.76
CA GLY A 121 34.79 8.71 7.32
C GLY A 121 35.73 9.11 8.44
N GLY A 122 36.09 8.14 9.28
CA GLY A 122 36.97 8.41 10.42
C GLY A 122 38.40 8.67 10.03
N GLU A 123 38.88 7.94 9.02
CA GLU A 123 40.24 8.11 8.52
C GLU A 123 40.36 9.24 7.51
N ILE A 124 39.24 9.74 6.98
CA ILE A 124 39.24 10.98 6.20
C ILE A 124 39.45 12.16 7.14
N ALA A 125 38.97 12.03 8.38
CA ALA A 125 39.21 13.03 9.42
C ALA A 125 40.58 12.87 10.11
N LEU A 126 41.46 12.07 9.52
CA LEU A 126 42.83 11.89 10.02
C LEU A 126 43.86 12.30 8.96
N TRP A 127 43.68 11.83 7.73
CA TRP A 127 44.55 12.22 6.60
C TRP A 127 44.31 13.66 6.15
N SER A 128 43.13 14.21 6.45
CA SER A 128 42.82 15.62 6.15
C SER A 128 43.39 16.57 7.21
N LEU A 129 43.50 16.08 8.45
CA LEU A 129 44.15 16.85 9.52
C LEU A 129 45.67 16.99 9.30
N VAL A 130 46.25 16.11 8.49
CA VAL A 130 47.67 16.21 8.11
C VAL A 130 47.85 17.31 7.05
N VAL A 131 46.76 17.72 6.42
CA VAL A 131 46.76 18.91 5.57
C VAL A 131 46.45 20.15 6.42
N LEU A 132 45.52 20.01 7.38
CA LEU A 132 45.15 21.12 8.28
C LEU A 132 46.26 21.50 9.26
N ALA A 133 46.96 20.50 9.78
CA ALA A 133 48.08 20.74 10.68
C ALA A 133 49.27 21.33 9.95
N ILE A 134 49.40 21.03 8.65
CA ILE A 134 50.53 21.46 7.83
C ILE A 134 50.24 22.75 7.02
N GLU A 135 48.98 22.99 6.69
CA GLU A 135 48.59 24.28 6.08
C GLU A 135 48.86 25.43 7.05
N ARG A 136 48.59 25.19 8.33
CA ARG A 136 48.80 26.19 9.40
C ARG A 136 50.29 26.34 9.74
N TYR A 137 51.04 25.27 9.59
CA TYR A 137 52.47 25.24 9.92
C TYR A 137 53.32 26.08 8.95
N VAL A 138 52.99 26.03 7.66
CA VAL A 138 53.80 26.63 6.60
C VAL A 138 53.50 28.13 6.34
N VAL A 139 52.53 28.71 7.06
CA VAL A 139 52.28 30.17 6.99
C VAL A 139 52.50 30.90 8.33
N VAL A 140 52.86 30.16 9.37
CA VAL A 140 53.33 30.74 10.62
C VAL A 140 54.84 30.54 10.75
N CYS A 141 55.31 29.32 10.45
CA CYS A 141 56.74 29.01 10.35
C CYS A 141 57.14 28.85 8.88
N LYS A 142 56.77 29.84 8.07
CA LYS A 142 56.94 29.81 6.61
C LYS A 142 58.42 29.85 6.21
N PRO A 143 58.96 28.72 5.71
CA PRO A 143 60.38 28.69 5.30
C PRO A 143 60.66 29.20 3.87
N MET A 144 59.60 29.46 3.10
CA MET A 144 59.71 29.89 1.70
C MET A 144 58.76 31.06 1.44
N SER A 145 59.35 32.25 1.30
CA SER A 145 58.57 33.49 1.22
C SER A 145 57.63 33.54 0.01
N ASN A 146 58.12 33.12 -1.16
CA ASN A 146 57.33 33.15 -2.41
C ASN A 146 56.07 32.25 -2.43
N PHE A 147 56.06 31.21 -1.59
CA PHE A 147 55.02 30.18 -1.62
C PHE A 147 53.65 30.70 -1.18
N ARG A 148 52.60 30.09 -1.71
CA ARG A 148 51.22 30.43 -1.35
C ARG A 148 50.31 29.20 -1.46
N PHE A 149 49.34 29.10 -0.56
CA PHE A 149 48.36 28.00 -0.55
C PHE A 149 47.12 28.44 -1.38
N GLY A 150 46.75 27.66 -2.39
CA GLY A 150 45.70 28.07 -3.35
C GLY A 150 44.62 27.05 -3.66
N GLU A 151 44.63 26.53 -4.89
CA GLU A 151 43.67 25.52 -5.35
C GLU A 151 44.32 24.25 -5.94
N ASN A 152 45.47 24.41 -6.60
CA ASN A 152 46.29 23.26 -7.02
C ASN A 152 46.90 22.56 -5.81
N HIS A 153 46.98 23.28 -4.69
CA HIS A 153 47.43 22.74 -3.41
C HIS A 153 46.27 22.29 -2.52
N ALA A 154 45.10 22.92 -2.69
CA ALA A 154 43.91 22.63 -1.87
C ALA A 154 42.99 21.54 -2.44
N ILE A 155 43.16 21.21 -3.71
CA ILE A 155 42.46 20.06 -4.31
C ILE A 155 43.35 18.81 -4.30
N MET A 156 44.66 19.00 -4.52
CA MET A 156 45.62 17.91 -4.52
C MET A 156 46.17 17.61 -3.12
N GLY A 157 45.79 18.43 -2.15
CA GLY A 157 45.95 18.12 -0.73
C GLY A 157 44.74 17.37 -0.19
N VAL A 158 43.56 17.67 -0.76
CA VAL A 158 42.31 16.98 -0.42
C VAL A 158 42.29 15.55 -1.00
N ALA A 159 42.70 15.40 -2.25
CA ALA A 159 42.73 14.08 -2.91
C ALA A 159 43.78 13.14 -2.33
N PHE A 160 44.75 13.69 -1.61
CA PHE A 160 45.69 12.91 -0.81
C PHE A 160 44.99 12.19 0.37
N THR A 161 43.92 12.78 0.87
CA THR A 161 43.20 12.25 2.04
C THR A 161 42.32 11.05 1.65
N TRP A 162 41.65 11.17 0.51
CA TRP A 162 40.90 10.05 -0.07
C TRP A 162 41.81 8.87 -0.37
N VAL A 163 42.87 9.14 -1.13
CA VAL A 163 43.76 8.10 -1.66
C VAL A 163 44.55 7.37 -0.55
N MET A 164 44.61 7.94 0.65
CA MET A 164 45.19 7.27 1.81
C MET A 164 44.15 6.68 2.77
N ALA A 165 42.94 7.27 2.79
CA ALA A 165 41.82 6.69 3.54
C ALA A 165 41.25 5.44 2.85
N LEU A 166 41.30 5.44 1.51
CA LEU A 166 40.90 4.28 0.69
C LEU A 166 41.77 3.08 1.05
N ALA A 167 43.09 3.31 1.15
CA ALA A 167 44.05 2.27 1.50
C ALA A 167 43.88 1.76 2.94
N CYS A 168 43.01 2.38 3.70
CA CYS A 168 42.69 1.94 5.06
C CYS A 168 41.45 1.06 5.13
N ALA A 169 40.45 1.35 4.31
CA ALA A 169 39.14 0.68 4.38
C ALA A 169 38.97 -0.53 3.44
N ALA A 170 39.68 -0.52 2.32
CA ALA A 170 39.65 -1.62 1.36
C ALA A 170 40.24 -2.95 1.88
N PRO A 171 41.45 -2.91 2.49
CA PRO A 171 42.15 -4.12 2.95
C PRO A 171 41.29 -5.27 3.51
N PRO A 172 40.39 -4.99 4.48
CA PRO A 172 39.51 -6.08 4.96
C PRO A 172 38.64 -6.74 3.88
N LEU A 173 38.20 -5.96 2.90
CA LEU A 173 37.36 -6.48 1.81
C LEU A 173 38.11 -7.38 0.81
N VAL A 174 39.43 -7.22 0.72
CA VAL A 174 40.21 -7.91 -0.30
C VAL A 174 41.59 -8.38 0.23
N GLY A 175 41.58 -9.10 1.34
CA GLY A 175 42.80 -9.68 1.90
C GLY A 175 43.00 -9.41 3.37
N TRP A 176 43.61 -8.28 3.69
CA TRP A 176 44.03 -7.98 5.06
C TRP A 176 42.85 -7.81 6.03
N SER A 177 42.56 -8.89 6.77
CA SER A 177 41.56 -8.90 7.85
C SER A 177 40.13 -8.88 7.31
N ARG A 178 39.18 -8.48 8.16
CA ARG A 178 37.76 -8.57 7.84
C ARG A 178 36.93 -7.64 8.73
N TYR A 179 35.83 -7.12 8.21
CA TYR A 179 34.87 -6.39 9.02
C TYR A 179 33.98 -7.40 9.74
N ILE A 180 33.57 -7.06 10.96
CA ILE A 180 32.88 -8.01 11.84
C ILE A 180 32.17 -7.24 12.95
N PRO A 181 30.97 -7.69 13.36
CA PRO A 181 30.22 -6.97 14.40
C PRO A 181 30.92 -6.88 15.75
N GLU A 182 30.68 -5.76 16.45
CA GLU A 182 31.37 -5.40 17.68
C GLU A 182 30.40 -5.29 18.85
N GLY A 183 30.81 -5.77 20.02
CA GLY A 183 30.05 -5.59 21.26
C GLY A 183 28.60 -6.04 21.19
N MET A 184 27.69 -5.07 21.07
CA MET A 184 26.26 -5.37 20.98
C MET A 184 25.86 -5.85 19.58
N GLN A 185 26.84 -6.00 18.69
CA GLN A 185 26.65 -6.55 17.36
C GLN A 185 25.65 -5.72 16.55
N CYS A 186 25.90 -4.41 16.50
CA CYS A 186 25.09 -3.49 15.73
C CYS A 186 25.94 -2.54 14.89
N SER A 187 27.10 -2.15 15.41
CA SER A 187 28.15 -1.54 14.60
C SER A 187 28.95 -2.65 13.93
N CYS A 188 29.87 -2.26 13.04
CA CYS A 188 30.77 -3.24 12.40
C CYS A 188 32.11 -2.59 12.05
N GLY A 189 33.17 -3.02 12.72
CA GLY A 189 34.52 -2.50 12.47
C GLY A 189 35.52 -3.62 12.19
N ILE A 190 36.81 -3.30 12.34
CA ILE A 190 37.90 -4.25 12.05
C ILE A 190 37.98 -5.32 13.14
N ASP A 191 38.50 -6.49 12.78
CA ASP A 191 38.69 -7.57 13.73
C ASP A 191 39.84 -7.24 14.67
N TYR A 192 39.50 -6.91 15.92
CA TYR A 192 40.48 -6.59 16.95
C TYR A 192 40.75 -7.78 17.89
N TYR A 193 40.01 -8.87 17.72
CA TYR A 193 39.87 -9.88 18.77
C TYR A 193 40.60 -11.19 18.50
N THR A 194 40.64 -11.61 17.23
CA THR A 194 41.03 -12.97 16.88
C THR A 194 42.26 -13.01 15.97
N PRO A 195 42.88 -14.21 15.81
CA PRO A 195 43.94 -14.36 14.83
C PRO A 195 43.43 -14.52 13.40
N HIS A 196 42.53 -15.47 13.19
CA HIS A 196 42.03 -15.81 11.85
C HIS A 196 43.17 -15.68 10.83
N GLU A 197 44.19 -16.51 11.01
CA GLU A 197 45.37 -16.51 10.14
C GLU A 197 45.01 -16.75 8.68
N GLU A 198 43.86 -17.39 8.46
CA GLU A 198 43.30 -17.61 7.12
C GLU A 198 43.10 -16.32 6.31
N THR A 199 43.04 -15.17 6.98
CA THR A 199 42.92 -13.88 6.29
C THR A 199 43.88 -12.80 6.81
N ASN A 200 44.94 -13.20 7.52
CA ASN A 200 45.98 -12.28 8.00
C ASN A 200 45.41 -11.08 8.78
N ASN A 201 45.10 -11.28 10.06
CA ASN A 201 44.62 -10.19 10.91
C ASN A 201 45.78 -9.41 11.52
N GLU A 202 46.60 -10.11 12.30
CA GLU A 202 47.66 -9.49 13.09
C GLU A 202 48.54 -8.58 12.24
N SER A 203 48.79 -9.00 11.01
CA SER A 203 49.64 -8.23 10.08
C SER A 203 48.98 -6.95 9.54
N PHE A 204 47.64 -6.90 9.52
CA PHE A 204 46.94 -5.66 9.16
C PHE A 204 46.95 -4.67 10.32
N VAL A 205 46.87 -5.20 11.55
CA VAL A 205 46.75 -4.37 12.76
C VAL A 205 48.02 -3.54 13.01
N ILE A 206 49.18 -4.16 12.85
CA ILE A 206 50.47 -3.47 12.95
C ILE A 206 50.44 -2.28 12.01
N TYR A 207 50.19 -2.55 10.74
CA TYR A 207 50.08 -1.53 9.69
C TYR A 207 49.06 -0.44 10.01
N MET A 208 47.96 -0.81 10.67
CA MET A 208 46.92 0.15 11.02
C MET A 208 47.26 1.00 12.24
N PHE A 209 47.89 0.40 13.25
CA PHE A 209 48.22 1.12 14.48
C PHE A 209 49.31 2.19 14.30
N VAL A 210 50.25 1.93 13.41
CA VAL A 210 51.33 2.89 13.15
C VAL A 210 50.93 3.82 12.00
N VAL A 211 50.71 3.24 10.82
CA VAL A 211 50.52 4.03 9.61
C VAL A 211 49.18 4.77 9.60
N HIS A 212 48.13 4.14 10.13
CA HIS A 212 46.79 4.74 10.12
C HIS A 212 46.37 5.32 11.48
N PHE A 213 47.32 5.60 12.36
CA PHE A 213 46.99 6.25 13.64
C PHE A 213 48.18 7.00 14.25
N ILE A 214 49.24 6.29 14.60
CA ILE A 214 50.38 6.90 15.30
C ILE A 214 51.25 7.77 14.37
N ILE A 215 51.27 7.46 13.07
CA ILE A 215 51.97 8.30 12.10
C ILE A 215 51.32 9.69 11.99
N PRO A 216 50.01 9.75 11.67
CA PRO A 216 49.31 11.04 11.73
C PRO A 216 49.23 11.70 13.11
N LEU A 217 49.46 10.95 14.20
CA LEU A 217 49.45 11.53 15.54
C LEU A 217 50.78 12.20 15.90
N ILE A 218 51.88 11.54 15.54
CA ILE A 218 53.23 12.09 15.77
C ILE A 218 53.51 13.26 14.82
N VAL A 219 53.02 13.17 13.58
CA VAL A 219 53.11 14.28 12.62
C VAL A 219 52.31 15.50 13.11
N ILE A 220 51.27 15.28 13.89
CA ILE A 220 50.47 16.36 14.49
C ILE A 220 50.94 16.69 15.93
N PHE A 221 52.07 16.11 16.34
CA PHE A 221 52.86 16.59 17.47
C PHE A 221 54.13 17.32 17.01
N PHE A 222 54.64 16.92 15.84
CA PHE A 222 55.92 17.44 15.31
C PHE A 222 55.76 18.86 14.77
N CYS A 223 54.62 19.13 14.13
CA CYS A 223 54.31 20.48 13.62
C CYS A 223 53.56 21.32 14.66
N TYR A 224 52.83 20.65 15.56
CA TYR A 224 52.28 21.32 16.73
C TYR A 224 53.40 21.84 17.64
N GLY A 225 54.48 21.07 17.71
CA GLY A 225 55.62 21.41 18.57
C GLY A 225 56.46 22.60 18.13
N GLN A 226 56.46 22.90 16.83
CA GLN A 226 57.21 24.05 16.29
C GLN A 226 56.37 25.33 16.22
N LEU A 227 55.10 25.23 16.62
CA LEU A 227 54.21 26.39 16.76
C LEU A 227 54.07 26.83 18.23
N VAL A 228 54.92 26.29 19.10
CA VAL A 228 54.91 26.61 20.54
C VAL A 228 55.53 27.98 20.83
N PHE A 229 56.58 28.34 20.10
CA PHE A 229 57.24 29.65 20.26
C PHE A 229 56.28 30.82 20.00
N THR A 230 55.30 30.59 19.11
CA THR A 230 54.37 31.64 18.72
C THR A 230 53.31 31.91 19.80
N GLU A 240 56.13 43.22 17.20
CA GLU A 240 55.13 42.89 16.18
C GLU A 240 53.83 43.67 16.38
N SER A 241 53.25 44.15 15.27
CA SER A 241 51.92 44.73 15.27
C SER A 241 50.91 43.61 15.02
N ALA A 242 50.01 43.38 15.97
CA ALA A 242 49.06 42.25 15.89
C ALA A 242 47.61 42.71 15.68
N THR A 243 47.38 43.33 14.52
CA THR A 243 46.04 43.66 14.02
C THR A 243 45.61 42.52 13.09
N THR A 244 46.48 42.16 12.15
CA THR A 244 46.26 41.04 11.22
C THR A 244 46.42 39.68 11.93
N GLN A 245 47.34 39.61 12.91
CA GLN A 245 47.55 38.39 13.72
C GLN A 245 46.30 37.98 14.48
N LYS A 246 45.76 38.92 15.26
CA LYS A 246 44.79 38.62 16.33
C LYS A 246 43.46 38.03 15.84
N ALA A 247 43.00 38.49 14.68
CA ALA A 247 41.83 37.89 14.02
C ALA A 247 42.13 36.48 13.54
N GLU A 248 43.39 36.24 13.13
CA GLU A 248 43.84 34.94 12.61
C GLU A 248 44.57 34.08 13.66
N LYS A 249 44.36 34.37 14.95
CA LYS A 249 44.86 33.51 16.03
C LYS A 249 43.74 32.81 16.81
N GLU A 250 42.48 33.09 16.44
CA GLU A 250 41.32 32.31 16.91
C GLU A 250 40.90 31.24 15.88
N VAL A 251 41.34 31.40 14.64
CA VAL A 251 41.10 30.41 13.57
C VAL A 251 42.14 29.29 13.67
N THR A 252 43.33 29.63 14.15
CA THR A 252 44.32 28.64 14.56
C THR A 252 43.80 27.85 15.76
N ARG A 253 43.09 28.53 16.65
CA ARG A 253 42.50 27.91 17.85
C ARG A 253 41.39 26.94 17.51
N MET A 254 40.51 27.34 16.59
CA MET A 254 39.39 26.51 16.15
C MET A 254 39.85 25.11 15.76
N VAL A 255 40.90 25.03 14.95
CA VAL A 255 41.51 23.77 14.54
C VAL A 255 41.91 22.91 15.75
N ILE A 256 42.45 23.56 16.78
CA ILE A 256 42.89 22.85 17.97
C ILE A 256 41.69 22.24 18.73
N ILE A 257 40.54 22.90 18.66
CA ILE A 257 39.33 22.39 19.32
C ILE A 257 38.82 21.12 18.62
N MET A 258 39.02 21.03 17.30
CA MET A 258 38.71 19.81 16.55
C MET A 258 39.86 18.79 16.57
N VAL A 259 41.01 19.18 17.12
CA VAL A 259 42.06 18.24 17.50
C VAL A 259 41.75 17.72 18.91
N ILE A 260 41.22 18.59 19.77
CA ILE A 260 40.81 18.21 21.12
C ILE A 260 39.57 17.30 21.12
N ALA A 261 38.46 17.81 20.59
CA ALA A 261 37.19 17.06 20.57
C ALA A 261 37.33 15.70 19.89
N PHE A 262 38.19 15.63 18.87
CA PHE A 262 38.56 14.36 18.24
C PHE A 262 39.13 13.41 19.29
N LEU A 263 40.10 13.91 20.06
CA LEU A 263 40.81 13.10 21.05
C LEU A 263 40.03 12.88 22.35
N ILE A 264 38.88 13.52 22.51
CA ILE A 264 37.96 13.18 23.60
C ILE A 264 37.09 12.01 23.16
N CYS A 265 36.67 12.03 21.90
CA CYS A 265 35.70 11.06 21.38
C CYS A 265 36.34 9.74 20.94
N TRP A 266 37.42 9.82 20.17
CA TRP A 266 38.01 8.64 19.54
C TRP A 266 39.06 7.91 20.39
N LEU A 267 39.50 8.53 21.48
CA LEU A 267 40.53 7.92 22.33
C LEU A 267 39.98 6.75 23.15
N PRO A 268 38.83 6.95 23.84
CA PRO A 268 38.25 5.84 24.60
C PRO A 268 38.11 4.58 23.76
N TYR A 269 37.71 4.74 22.50
CA TYR A 269 37.62 3.64 21.55
C TYR A 269 39.02 3.16 21.17
N ALA A 270 39.87 4.08 20.73
CA ALA A 270 41.23 3.74 20.31
C ALA A 270 42.01 2.98 21.37
N GLY A 271 41.93 3.47 22.61
CA GLY A 271 42.66 2.87 23.74
C GLY A 271 42.10 1.52 24.17
N VAL A 272 40.77 1.45 24.31
CA VAL A 272 40.11 0.19 24.65
C VAL A 272 40.34 -0.86 23.57
N ALA A 273 40.45 -0.41 22.32
CA ALA A 273 40.74 -1.32 21.21
C ALA A 273 42.10 -1.99 21.37
N PHE A 274 43.05 -1.25 21.92
CA PHE A 274 44.38 -1.79 22.21
C PHE A 274 44.36 -2.75 23.40
N TYR A 275 43.57 -2.41 24.42
CA TYR A 275 43.42 -3.26 25.62
C TYR A 275 42.92 -4.65 25.26
N ILE A 276 41.99 -4.71 24.30
CA ILE A 276 41.44 -5.96 23.82
C ILE A 276 42.46 -6.69 22.94
N PHE A 277 43.17 -5.95 22.10
CA PHE A 277 44.18 -6.55 21.22
C PHE A 277 45.36 -7.14 22.02
N THR A 278 45.58 -6.65 23.23
CA THR A 278 46.55 -7.23 24.16
C THR A 278 45.92 -8.42 24.88
N HIS A 279 44.71 -8.21 25.39
CA HIS A 279 43.96 -9.23 26.11
C HIS A 279 43.07 -10.02 25.14
N GLN A 280 43.72 -10.79 24.27
CA GLN A 280 43.04 -11.47 23.16
C GLN A 280 42.09 -12.58 23.62
N GLY A 281 40.90 -12.18 24.09
CA GLY A 281 39.88 -13.13 24.53
C GLY A 281 39.70 -13.20 26.04
N SER A 282 39.88 -12.07 26.72
CA SER A 282 39.57 -11.99 28.15
C SER A 282 38.06 -11.84 28.32
N ASP A 283 37.60 -11.81 29.57
CA ASP A 283 36.16 -11.73 29.85
C ASP A 283 35.64 -10.28 29.75
N PHE A 284 36.07 -9.57 28.72
CA PHE A 284 35.62 -8.19 28.48
C PHE A 284 34.23 -8.23 27.89
N GLY A 285 33.36 -7.35 28.38
CA GLY A 285 31.93 -7.40 28.05
C GLY A 285 31.57 -6.84 26.69
N PRO A 286 30.25 -6.68 26.43
CA PRO A 286 29.74 -6.06 25.21
C PRO A 286 29.72 -4.54 25.28
N ILE A 287 29.20 -4.00 26.38
CA ILE A 287 29.12 -2.55 26.62
C ILE A 287 30.51 -1.94 26.42
N PHE A 288 31.47 -2.55 27.11
CA PHE A 288 32.89 -2.17 27.11
C PHE A 288 33.42 -1.67 25.76
N MET A 289 33.12 -2.40 24.69
CA MET A 289 33.63 -2.08 23.35
C MET A 289 32.66 -1.21 22.54
N THR A 290 31.36 -1.38 22.78
CA THR A 290 30.35 -0.66 22.02
C THR A 290 30.38 0.82 22.35
N ILE A 291 30.13 1.16 23.61
CA ILE A 291 29.90 2.54 24.04
C ILE A 291 30.90 3.56 23.48
N PRO A 292 32.21 3.27 23.60
CA PRO A 292 33.18 4.23 23.06
C PRO A 292 33.06 4.41 21.55
N ALA A 293 32.71 3.36 20.82
CA ALA A 293 32.49 3.48 19.38
C ALA A 293 31.39 4.51 19.09
N PHE A 294 30.22 4.31 19.69
CA PHE A 294 29.07 5.20 19.47
C PHE A 294 29.28 6.59 20.09
N PHE A 295 30.08 6.66 21.15
CA PHE A 295 30.53 7.94 21.68
C PHE A 295 31.54 8.58 20.73
N ALA A 296 32.37 7.75 20.10
CA ALA A 296 33.32 8.21 19.09
C ALA A 296 32.63 8.56 17.78
N LYS A 297 31.48 7.93 17.52
CA LYS A 297 30.77 8.15 16.26
C LYS A 297 29.91 9.42 16.22
N THR A 298 30.18 10.37 17.13
CA THR A 298 29.65 11.73 16.99
C THR A 298 30.52 12.57 16.04
N SER A 299 31.54 11.94 15.46
CA SER A 299 32.49 12.59 14.57
C SER A 299 31.87 13.50 13.52
N ALA A 300 30.76 13.04 12.93
CA ALA A 300 30.14 13.74 11.80
C ALA A 300 29.24 14.90 12.21
N VAL A 301 29.05 15.10 13.52
CA VAL A 301 28.14 16.14 14.01
C VAL A 301 28.86 17.35 14.61
N TYR A 302 29.96 17.13 15.35
CA TYR A 302 30.67 18.23 16.01
C TYR A 302 31.60 19.04 15.10
N ASN A 303 31.89 18.52 13.91
CA ASN A 303 32.78 19.21 12.96
C ASN A 303 32.30 20.60 12.54
N PRO A 304 31.05 20.72 12.06
CA PRO A 304 30.57 22.01 11.58
C PRO A 304 29.94 22.93 12.64
N VAL A 305 29.73 22.45 13.87
CA VAL A 305 29.11 23.27 14.93
C VAL A 305 30.10 24.33 15.42
N ILE A 306 31.33 23.89 15.69
CA ILE A 306 32.41 24.77 16.13
C ILE A 306 32.93 25.59 14.93
N TYR A 307 32.80 25.00 13.74
CA TYR A 307 33.08 25.69 12.47
C TYR A 307 32.16 26.89 12.23
N ILE A 308 30.97 26.84 12.85
CA ILE A 308 30.03 27.96 12.83
C ILE A 308 30.18 28.84 14.07
N MET A 309 30.52 28.24 15.22
CA MET A 309 30.61 28.99 16.48
C MET A 309 31.94 29.73 16.71
N MET A 310 32.86 29.64 15.74
CA MET A 310 34.17 30.31 15.85
C MET A 310 34.57 31.15 14.64
N ASN A 311 34.33 30.65 13.43
CA ASN A 311 34.76 31.35 12.21
C ASN A 311 33.66 32.23 11.61
N ARG A 315 30.25 31.37 9.17
CA ARG A 315 29.14 31.61 10.10
C ARG A 315 28.10 32.55 9.51
N ASN A 316 28.57 33.61 8.85
CA ASN A 316 27.70 34.58 8.20
C ASN A 316 27.01 33.98 6.97
N CYS A 317 27.83 33.44 6.06
CA CYS A 317 27.34 32.85 4.81
C CYS A 317 26.19 31.88 4.99
N MET A 318 26.26 31.07 6.03
CA MET A 318 25.24 30.04 6.28
C MET A 318 23.89 30.68 6.55
N VAL A 319 23.85 31.67 7.44
CA VAL A 319 22.60 32.35 7.79
C VAL A 319 22.05 33.12 6.58
N THR A 320 22.95 33.54 5.68
CA THR A 320 22.58 34.33 4.49
C THR A 320 21.76 33.52 3.48
N THR A 321 22.22 32.31 3.15
CA THR A 321 21.43 31.37 2.34
C THR A 321 20.19 30.95 3.14
N LEU A 322 20.37 30.73 4.44
CA LEU A 322 19.28 30.41 5.36
C LEU A 322 18.22 31.51 5.48
N CYS A 323 18.64 32.76 5.31
CA CYS A 323 17.77 33.93 5.47
C CYS A 323 16.49 33.92 4.60
N CYS A 324 16.20 35.04 3.93
CA CYS A 324 14.93 35.22 3.20
C CYS A 324 14.95 36.65 2.65
N GLY A 325 15.22 37.59 3.55
CA GLY A 325 15.69 38.92 3.21
C GLY A 325 16.88 39.22 4.11
N LYS A 326 18.08 39.04 3.57
CA LYS A 326 19.31 39.32 4.31
C LYS A 326 19.42 40.79 4.72
N ASN A 327 20.21 41.05 5.75
CA ASN A 327 20.62 42.42 6.10
C ASN A 327 22.10 42.43 6.49
N PRO A 328 22.77 43.59 6.33
CA PRO A 328 24.21 43.68 6.59
C PRO A 328 24.58 43.78 8.07
N LEU A 329 25.22 42.72 8.59
CA LEU A 329 25.74 42.70 9.97
C LEU A 329 27.26 42.51 9.96
N GLY A 330 27.94 43.11 10.95
CA GLY A 330 29.40 43.01 11.06
C GLY A 330 29.89 43.31 12.46
C ACE B 1 -15.37 -6.85 -10.06
O ACE B 1 -15.89 -5.77 -10.30
CH3 ACE B 1 -14.54 -7.58 -11.07
N MET B 2 -15.42 -7.42 -8.86
CA MET B 2 -15.15 -6.67 -7.64
C MET B 2 -13.92 -5.79 -7.82
N ASN B 3 -14.12 -4.48 -7.83
CA ASN B 3 -13.02 -3.52 -7.95
C ASN B 3 -12.34 -3.31 -6.60
N GLY B 4 -11.53 -4.30 -6.20
CA GLY B 4 -10.86 -4.32 -4.90
C GLY B 4 -10.81 -5.71 -4.28
N THR B 5 -10.61 -5.77 -2.97
CA THR B 5 -10.64 -7.03 -2.24
C THR B 5 -10.80 -6.75 -0.75
N GLU B 6 -11.69 -7.48 -0.07
CA GLU B 6 -12.11 -7.14 1.28
C GLU B 6 -11.78 -8.23 2.32
N GLY B 7 -11.64 -7.81 3.58
CA GLY B 7 -11.44 -8.72 4.72
C GLY B 7 -11.99 -8.16 6.02
N PRO B 8 -11.66 -8.80 7.16
CA PRO B 8 -12.18 -8.38 8.46
C PRO B 8 -11.53 -7.09 8.99
N ASN B 9 -10.26 -6.89 8.69
CA ASN B 9 -9.53 -5.72 9.15
C ASN B 9 -8.70 -5.07 8.05
N PHE B 10 -9.16 -5.17 6.81
CA PHE B 10 -8.42 -4.60 5.67
C PHE B 10 -9.21 -4.42 4.39
N TYR B 11 -9.08 -3.26 3.77
CA TYR B 11 -9.60 -2.98 2.44
C TYR B 11 -8.41 -2.54 1.60
N VAL B 12 -8.36 -3.03 0.37
CA VAL B 12 -7.26 -2.73 -0.54
C VAL B 12 -7.79 -2.59 -1.96
N PRO B 13 -7.38 -1.52 -2.67
CA PRO B 13 -7.88 -1.30 -4.02
C PRO B 13 -7.10 -2.08 -5.09
N PHE B 14 -7.32 -3.39 -5.14
CA PHE B 14 -6.83 -4.20 -6.25
C PHE B 14 -7.62 -5.50 -6.35
N SER B 15 -7.87 -5.91 -7.60
CA SER B 15 -8.71 -7.07 -7.88
C SER B 15 -7.92 -8.37 -7.80
N ASN B 16 -8.40 -9.32 -6.99
CA ASN B 16 -7.78 -10.65 -6.93
C ASN B 16 -8.12 -11.51 -8.15
N LYS B 17 -8.89 -10.94 -9.08
CA LYS B 17 -9.06 -11.48 -10.44
C LYS B 17 -7.73 -11.96 -11.01
N THR B 18 -6.68 -11.19 -10.74
CA THR B 18 -5.33 -11.58 -11.13
C THR B 18 -4.65 -12.35 -10.00
N GLY B 19 -5.41 -13.28 -9.40
CA GLY B 19 -4.92 -14.17 -8.33
C GLY B 19 -3.58 -13.84 -7.70
N VAL B 20 -3.48 -12.66 -7.09
CA VAL B 20 -2.25 -12.23 -6.42
C VAL B 20 -2.47 -11.32 -5.21
N VAL B 21 -3.72 -11.00 -4.89
CA VAL B 21 -4.02 -10.10 -3.78
C VAL B 21 -3.93 -10.85 -2.46
N ARG B 22 -3.57 -10.14 -1.40
CA ARG B 22 -3.42 -10.73 -0.07
C ARG B 22 -3.29 -9.66 1.00
N SER B 23 -3.38 -10.07 2.26
CA SER B 23 -3.40 -9.14 3.40
C SER B 23 -2.19 -8.20 3.43
N PRO B 24 -2.36 -6.97 3.93
CA PRO B 24 -1.23 -6.06 4.02
C PRO B 24 -0.53 -6.14 5.37
N PHE B 25 -0.75 -7.23 6.10
CA PHE B 25 -0.30 -7.35 7.48
C PHE B 25 0.83 -8.36 7.67
N GLU B 26 1.09 -9.19 6.67
CA GLU B 26 2.18 -10.17 6.72
C GLU B 26 3.11 -10.08 5.50
N ALA B 27 2.54 -9.84 4.32
CA ALA B 27 3.31 -9.76 3.09
C ALA B 27 3.30 -8.33 2.59
N PRO B 28 4.20 -8.01 1.64
CA PRO B 28 4.21 -6.66 1.09
C PRO B 28 3.23 -6.52 -0.08
N GLN B 29 2.68 -5.33 -0.25
CA GLN B 29 1.67 -5.07 -1.27
C GLN B 29 2.30 -4.49 -2.53
N TYR B 30 3.31 -5.18 -3.06
CA TYR B 30 4.06 -4.69 -4.24
C TYR B 30 3.27 -4.77 -5.54
N TYR B 31 2.08 -5.36 -5.51
CA TYR B 31 1.18 -5.36 -6.68
C TYR B 31 0.26 -4.13 -6.72
N LEU B 32 0.44 -3.19 -5.80
CA LEU B 32 -0.30 -1.92 -5.81
C LEU B 32 0.39 -0.86 -6.65
N ALA B 33 1.73 -0.89 -6.64
CA ALA B 33 2.52 0.07 -7.40
C ALA B 33 3.90 -0.50 -7.69
N GLU B 34 4.75 0.28 -8.35
CA GLU B 34 6.10 -0.14 -8.66
C GLU B 34 7.01 0.05 -7.43
N PRO B 35 7.96 -0.88 -7.20
CA PRO B 35 8.85 -0.82 -6.03
C PRO B 35 9.45 0.55 -5.75
N TRP B 36 9.94 1.22 -6.80
CA TRP B 36 10.62 2.50 -6.67
C TRP B 36 9.72 3.62 -6.10
N GLN B 37 8.43 3.59 -6.42
CA GLN B 37 7.51 4.61 -5.94
C GLN B 37 7.44 4.66 -4.41
N PHE B 38 7.52 3.49 -3.77
CA PHE B 38 7.50 3.40 -2.31
C PHE B 38 8.72 4.12 -1.70
N SER B 39 9.90 3.85 -2.26
CA SER B 39 11.14 4.48 -1.81
C SER B 39 11.03 6.00 -1.76
N MET B 40 10.30 6.57 -2.71
CA MET B 40 10.08 8.01 -2.71
C MET B 40 9.19 8.44 -1.56
N LEU B 41 8.13 7.67 -1.29
CA LEU B 41 7.27 7.99 -0.13
C LEU B 41 8.04 7.95 1.18
N ALA B 42 9.09 7.13 1.24
CA ALA B 42 10.00 7.14 2.38
C ALA B 42 10.85 8.42 2.38
N ALA B 43 11.52 8.68 1.25
CA ALA B 43 12.33 9.89 1.08
C ALA B 43 11.51 11.13 1.41
N TYR B 44 10.29 11.15 0.89
CA TYR B 44 9.29 12.15 1.25
C TYR B 44 9.11 12.17 2.77
N MET B 45 8.86 10.99 3.34
CA MET B 45 8.58 10.86 4.77
C MET B 45 9.74 11.30 5.66
N PHE B 46 10.96 10.95 5.28
CA PHE B 46 12.14 11.33 6.07
C PHE B 46 12.21 12.85 6.22
N LEU B 47 11.93 13.57 5.15
CA LEU B 47 11.94 15.04 5.19
C LEU B 47 10.88 15.57 6.15
N LEU B 48 9.72 14.90 6.20
CA LEU B 48 8.66 15.27 7.12
C LEU B 48 9.06 15.08 8.58
N ILE B 49 9.94 14.11 8.84
CA ILE B 49 10.50 13.93 10.17
C ILE B 49 11.65 14.92 10.40
N MET B 50 12.52 15.04 9.40
CA MET B 50 13.71 15.88 9.51
C MET B 50 13.40 17.33 9.86
N LEU B 51 12.61 17.98 9.02
CA LEU B 51 12.34 19.40 9.14
C LEU B 51 11.27 19.70 10.20
N GLY B 52 10.36 18.75 10.40
CA GLY B 52 9.28 18.92 11.36
C GLY B 52 9.76 18.99 12.79
N PHE B 53 10.31 17.90 13.30
CA PHE B 53 10.74 17.81 14.70
C PHE B 53 11.44 19.07 15.23
N PRO B 54 12.57 19.47 14.61
CA PRO B 54 13.36 20.56 15.19
C PRO B 54 12.63 21.89 15.24
N ILE B 55 12.00 22.29 14.13
CA ILE B 55 11.38 23.61 14.04
C ILE B 55 10.19 23.73 15.01
N ASN B 56 9.54 22.61 15.30
CA ASN B 56 8.48 22.55 16.32
C ASN B 56 9.07 22.52 17.73
N PHE B 57 10.01 21.60 17.94
CA PHE B 57 10.68 21.43 19.23
C PHE B 57 11.52 22.64 19.62
N LEU B 58 12.09 23.32 18.63
CA LEU B 58 12.89 24.52 18.88
C LEU B 58 12.01 25.69 19.31
N THR B 59 10.81 25.79 18.72
CA THR B 59 9.82 26.80 19.11
C THR B 59 9.24 26.48 20.50
N LEU B 60 9.19 25.19 20.84
CA LEU B 60 8.82 24.75 22.19
C LEU B 60 9.91 25.16 23.21
N TYR B 61 11.16 25.11 22.78
CA TYR B 61 12.31 25.43 23.64
C TYR B 61 12.66 26.92 23.65
N VAL B 62 12.41 27.61 22.54
CA VAL B 62 12.57 29.06 22.47
C VAL B 62 11.62 29.75 23.46
N THR B 63 10.34 29.38 23.40
CA THR B 63 9.30 30.01 24.21
C THR B 63 9.44 29.72 25.72
N VAL B 64 9.73 28.47 26.07
CA VAL B 64 9.89 28.07 27.47
C VAL B 64 11.03 28.85 28.19
N GLN B 65 12.12 29.12 27.47
CA GLN B 65 13.21 29.93 28.01
C GLN B 65 12.85 31.42 27.93
N HIS B 66 12.47 31.88 26.74
CA HIS B 66 12.09 33.28 26.50
C HIS B 66 10.66 33.54 26.97
N LYS B 67 10.52 34.04 28.19
CA LYS B 67 9.20 34.24 28.80
C LYS B 67 8.42 35.45 28.26
N LYS B 68 9.04 36.25 27.40
CA LYS B 68 8.37 37.42 26.80
C LYS B 68 7.46 37.09 25.61
N LEU B 69 7.32 35.80 25.28
CA LEU B 69 6.42 35.36 24.20
C LEU B 69 5.20 34.62 24.76
N ARG B 70 4.62 35.16 25.83
CA ARG B 70 3.38 34.64 26.42
C ARG B 70 2.18 35.37 25.82
N THR B 71 2.28 35.74 24.55
CA THR B 71 1.25 36.54 23.88
C THR B 71 0.17 35.62 23.33
N PRO B 72 -1.11 36.08 23.31
CA PRO B 72 -2.21 35.29 22.73
C PRO B 72 -2.00 34.89 21.26
N LEU B 73 -1.11 35.59 20.56
CA LEU B 73 -0.65 35.19 19.23
C LEU B 73 0.23 33.94 19.33
N ASN B 74 1.28 34.02 20.15
CA ASN B 74 2.25 32.92 20.31
C ASN B 74 1.70 31.75 21.12
N TYR B 75 0.63 31.98 21.88
CA TYR B 75 -0.07 30.92 22.64
C TYR B 75 -0.64 29.83 21.73
N ILE B 76 -1.34 30.25 20.69
CA ILE B 76 -1.92 29.32 19.72
C ILE B 76 -0.82 28.64 18.90
N LEU B 77 0.20 29.38 18.49
CA LEU B 77 1.32 28.81 17.73
C LEU B 77 2.39 28.15 18.61
N LEU B 78 2.11 28.03 19.91
CA LEU B 78 2.81 27.09 20.79
C LEU B 78 1.96 25.82 21.04
N ASN B 79 0.68 25.88 20.66
CA ASN B 79 -0.20 24.71 20.71
C ASN B 79 -0.01 23.80 19.49
N LEU B 80 0.26 24.40 18.33
CA LEU B 80 0.44 23.65 17.09
C LEU B 80 1.80 22.94 17.04
N ALA B 81 2.85 23.63 17.48
CA ALA B 81 4.19 23.01 17.61
C ALA B 81 4.13 21.77 18.50
N VAL B 82 3.37 21.87 19.60
CA VAL B 82 3.11 20.74 20.49
C VAL B 82 2.46 19.58 19.74
N ALA B 83 1.36 19.86 19.05
CA ALA B 83 0.60 18.86 18.32
C ALA B 83 1.35 18.29 17.11
N ASP B 84 2.27 19.09 16.54
CA ASP B 84 3.11 18.64 15.43
C ASP B 84 4.08 17.54 15.86
N LEU B 85 4.63 17.67 17.07
CA LEU B 85 5.61 16.71 17.58
C LEU B 85 5.02 15.31 17.81
N PHE B 86 3.72 15.24 18.06
CA PHE B 86 3.03 13.94 18.16
C PHE B 86 2.96 13.27 16.79
N MET B 87 2.80 14.07 15.74
CA MET B 87 2.76 13.54 14.37
C MET B 87 4.14 13.14 13.84
N VAL B 88 5.21 13.65 14.47
CA VAL B 88 6.57 13.25 14.09
C VAL B 88 6.92 11.93 14.75
N PHE B 89 6.99 11.91 16.07
CA PHE B 89 7.35 10.70 16.82
C PHE B 89 6.27 9.62 16.74
N GLY B 90 5.03 10.02 16.48
CA GLY B 90 3.92 9.07 16.32
C GLY B 90 3.61 8.82 14.87
N GLY B 91 2.89 9.75 14.25
CA GLY B 91 2.35 9.59 12.90
C GLY B 91 3.35 9.39 11.78
N PHE B 92 4.51 10.05 11.85
CA PHE B 92 5.52 9.98 10.80
C PHE B 92 6.43 8.76 10.95
N THR B 93 6.96 8.54 12.15
CA THR B 93 7.79 7.37 12.40
C THR B 93 7.01 6.10 12.04
N THR B 94 5.82 5.97 12.59
CA THR B 94 4.95 4.83 12.33
C THR B 94 4.96 4.48 10.85
N THR B 95 4.64 5.47 10.01
CA THR B 95 4.51 5.25 8.58
C THR B 95 5.86 5.10 7.88
N LEU B 96 6.89 5.78 8.38
CA LEU B 96 8.23 5.67 7.80
C LEU B 96 8.63 4.20 7.67
N TYR B 97 8.59 3.50 8.80
CA TYR B 97 8.83 2.07 8.85
C TYR B 97 8.13 1.35 7.71
N THR B 98 6.85 1.66 7.56
CA THR B 98 5.97 0.98 6.61
C THR B 98 6.39 1.18 5.17
N SER B 99 6.63 2.44 4.78
CA SER B 99 7.01 2.77 3.40
C SER B 99 8.24 2.01 2.93
N LEU B 100 9.16 1.77 3.86
CA LEU B 100 10.45 1.18 3.54
C LEU B 100 10.34 -0.30 3.18
N HIS B 101 9.61 -1.05 4.00
CA HIS B 101 9.38 -2.49 3.75
C HIS B 101 8.24 -2.74 2.75
N GLY B 102 7.18 -1.94 2.86
CA GLY B 102 6.02 -2.03 1.98
C GLY B 102 4.86 -2.82 2.56
N TYR B 103 4.66 -2.71 3.88
CA TYR B 103 3.55 -3.36 4.57
C TYR B 103 3.47 -2.96 6.04
N PHE B 104 2.25 -2.84 6.56
CA PHE B 104 2.05 -2.54 7.98
C PHE B 104 2.50 -3.71 8.84
N VAL B 105 3.67 -3.56 9.47
CA VAL B 105 4.23 -4.62 10.31
C VAL B 105 3.77 -4.44 11.76
N PHE B 106 3.52 -3.20 12.16
CA PHE B 106 3.05 -2.88 13.51
C PHE B 106 1.71 -3.56 13.85
N GLY B 107 0.97 -3.99 12.82
CA GLY B 107 -0.22 -4.81 13.02
C GLY B 107 -1.50 -3.99 12.98
N PRO B 108 -2.62 -4.61 13.40
CA PRO B 108 -3.91 -3.91 13.44
C PRO B 108 -3.92 -2.80 14.48
N THR B 109 -3.45 -3.13 15.69
CA THR B 109 -3.28 -2.15 16.75
C THR B 109 -2.35 -1.01 16.32
N GLY B 110 -1.37 -1.32 15.48
CA GLY B 110 -0.46 -0.34 14.93
C GLY B 110 -1.13 0.67 14.03
N CYS B 111 -2.05 0.18 13.20
CA CYS B 111 -2.86 1.07 12.35
C CYS B 111 -3.72 2.00 13.20
N ASN B 112 -4.16 1.52 14.36
CA ASN B 112 -4.98 2.32 15.27
C ASN B 112 -4.19 3.35 16.10
N LEU B 113 -2.87 3.33 16.00
CA LEU B 113 -2.01 4.31 16.69
C LEU B 113 -1.78 5.54 15.83
N GLU B 114 -1.35 5.33 14.58
CA GLU B 114 -1.11 6.43 13.64
C GLU B 114 -2.36 7.29 13.46
N GLY B 115 -3.48 6.63 13.20
CA GLY B 115 -4.74 7.31 12.94
C GLY B 115 -5.19 8.20 14.08
N PHE B 116 -5.22 7.63 15.29
CA PHE B 116 -5.57 8.39 16.49
C PHE B 116 -4.71 9.66 16.61
N PHE B 117 -3.43 9.54 16.25
CA PHE B 117 -2.51 10.67 16.30
C PHE B 117 -2.65 11.60 15.09
N ALA B 118 -2.63 11.02 13.89
CA ALA B 118 -2.61 11.80 12.65
C ALA B 118 -3.89 12.61 12.40
N THR B 119 -5.01 12.12 12.93
CA THR B 119 -6.27 12.88 12.91
C THR B 119 -6.29 13.93 14.03
N LEU B 120 -5.61 13.63 15.14
CA LEU B 120 -5.52 14.54 16.28
C LEU B 120 -4.79 15.83 15.88
N GLY B 121 -3.65 15.68 15.22
CA GLY B 121 -2.84 16.81 14.78
C GLY B 121 -3.53 17.68 13.73
N GLY B 122 -4.24 17.05 12.80
CA GLY B 122 -4.94 17.76 11.73
C GLY B 122 -6.13 18.58 12.20
N GLU B 123 -6.83 18.12 13.23
CA GLU B 123 -8.06 18.78 13.69
C GLU B 123 -7.92 19.54 15.03
N ILE B 124 -6.82 19.34 15.75
CA ILE B 124 -6.40 20.31 16.77
C ILE B 124 -6.07 21.63 16.06
N ALA B 125 -5.50 21.53 14.86
CA ALA B 125 -5.16 22.69 14.04
C ALA B 125 -6.42 23.43 13.56
N LEU B 126 -7.41 22.68 13.10
CA LEU B 126 -8.66 23.28 12.62
C LEU B 126 -9.48 23.92 13.75
N TRP B 127 -9.56 23.25 14.90
CA TRP B 127 -10.26 23.77 16.07
C TRP B 127 -9.54 24.99 16.70
N SER B 128 -8.24 25.09 16.45
CA SER B 128 -7.42 26.22 16.90
C SER B 128 -7.56 27.42 15.97
N LEU B 129 -7.84 27.16 14.69
CA LEU B 129 -8.11 28.22 13.72
C LEU B 129 -9.44 28.94 14.00
N VAL B 130 -10.34 28.28 14.73
CA VAL B 130 -11.60 28.90 15.17
C VAL B 130 -11.35 29.87 16.34
N VAL B 131 -10.19 29.74 16.98
CA VAL B 131 -9.72 30.74 17.95
C VAL B 131 -8.91 31.83 17.21
N LEU B 132 -8.13 31.43 16.21
CA LEU B 132 -7.33 32.39 15.41
C LEU B 132 -8.18 33.28 14.52
N ALA B 133 -9.21 32.70 13.92
CA ALA B 133 -10.12 33.47 13.08
C ALA B 133 -10.99 34.41 13.91
N ILE B 134 -11.25 34.04 15.16
CA ILE B 134 -12.12 34.81 16.06
C ILE B 134 -11.35 35.77 17.00
N GLU B 135 -10.09 35.45 17.31
CA GLU B 135 -9.24 36.41 18.04
C GLU B 135 -9.01 37.67 17.21
N ARG B 136 -8.85 37.49 15.90
CA ARG B 136 -8.63 38.59 14.95
C ARG B 136 -9.91 39.37 14.66
N TYR B 137 -11.04 38.67 14.72
CA TYR B 137 -12.34 39.25 14.43
C TYR B 137 -12.80 40.24 15.51
N VAL B 138 -12.51 39.93 16.77
CA VAL B 138 -13.03 40.68 17.93
C VAL B 138 -12.16 41.90 18.32
N VAL B 139 -11.03 42.12 17.63
CA VAL B 139 -10.23 43.34 17.84
C VAL B 139 -10.13 44.25 16.60
N VAL B 140 -10.75 43.83 15.50
CA VAL B 140 -10.92 44.69 14.32
C VAL B 140 -12.39 45.13 14.22
N CYS B 141 -13.30 44.17 14.41
CA CYS B 141 -14.74 44.45 14.51
C CYS B 141 -15.20 44.32 15.97
N LYS B 142 -14.45 44.98 16.87
CA LYS B 142 -14.64 44.86 18.32
C LYS B 142 -15.99 45.45 18.77
N PRO B 143 -16.94 44.58 19.17
CA PRO B 143 -18.26 45.08 19.61
C PRO B 143 -18.32 45.51 21.10
N MET B 144 -17.26 45.23 21.86
CA MET B 144 -17.20 45.51 23.30
C MET B 144 -15.87 46.18 23.65
N SER B 145 -15.92 47.47 23.93
CA SER B 145 -14.73 48.31 24.09
C SER B 145 -13.87 47.89 25.29
N GLU B 151 -4.85 35.68 29.04
CA GLU B 151 -4.37 34.34 29.38
C GLU B 151 -5.48 33.39 29.87
N ASN B 152 -6.48 33.94 30.56
CA ASN B 152 -7.70 33.17 30.88
C ASN B 152 -8.54 32.91 29.62
N HIS B 153 -8.29 33.71 28.58
CA HIS B 153 -8.92 33.54 27.27
C HIS B 153 -8.02 32.76 26.29
N ALA B 154 -6.70 32.84 26.49
CA ALA B 154 -5.70 32.19 25.62
C ALA B 154 -5.30 30.77 26.04
N ILE B 155 -5.61 30.39 27.28
CA ILE B 155 -5.44 29.00 27.74
C ILE B 155 -6.76 28.23 27.64
N MET B 156 -7.87 28.90 27.91
CA MET B 156 -9.21 28.30 27.82
C MET B 156 -9.82 28.40 26.41
N GLY B 157 -9.12 29.10 25.52
CA GLY B 157 -9.39 29.03 24.08
C GLY B 157 -8.56 27.92 23.43
N VAL B 158 -7.38 27.65 23.98
CA VAL B 158 -6.51 26.55 23.54
C VAL B 158 -7.06 25.18 23.97
N ALA B 159 -7.52 25.08 25.22
CA ALA B 159 -8.08 23.82 25.75
C ALA B 159 -9.42 23.44 25.11
N PHE B 160 -10.07 24.41 24.48
CA PHE B 160 -11.24 24.16 23.63
C PHE B 160 -10.88 23.35 22.37
N THR B 161 -9.64 23.52 21.90
CA THR B 161 -9.18 22.88 20.66
C THR B 161 -8.85 21.40 20.89
N TRP B 162 -8.21 21.10 22.03
CA TRP B 162 -7.98 19.72 22.47
C TRP B 162 -9.29 18.98 22.67
N VAL B 163 -10.17 19.57 23.48
CA VAL B 163 -11.42 18.93 23.92
C VAL B 163 -12.42 18.68 22.78
N MET B 164 -12.22 19.37 21.64
CA MET B 164 -13.02 19.10 20.43
C MET B 164 -12.28 18.24 19.38
N ALA B 165 -10.95 18.30 19.37
CA ALA B 165 -10.15 17.40 18.54
C ALA B 165 -10.14 15.97 19.09
N LEU B 166 -10.20 15.86 20.41
CA LEU B 166 -10.31 14.56 21.10
C LEU B 166 -11.58 13.84 20.66
N ALA B 167 -12.68 14.59 20.62
CA ALA B 167 -13.97 14.06 20.20
C ALA B 167 -14.01 13.66 18.71
N CYS B 168 -12.95 13.98 17.98
CA CYS B 168 -12.83 13.61 16.57
C CYS B 168 -12.05 12.31 16.37
N ALA B 169 -11.02 12.09 17.20
CA ALA B 169 -10.09 10.96 17.02
C ALA B 169 -10.44 9.70 17.83
N ALA B 170 -11.10 9.88 18.97
CA ALA B 170 -11.53 8.76 19.81
C ALA B 170 -12.59 7.85 19.18
N PRO B 171 -13.67 8.44 18.60
CA PRO B 171 -14.79 7.66 18.05
C PRO B 171 -14.46 6.33 17.34
N PRO B 172 -13.51 6.31 16.38
CA PRO B 172 -13.14 5.03 15.77
C PRO B 172 -12.63 3.97 16.75
N LEU B 173 -11.91 4.39 17.79
CA LEU B 173 -11.37 3.48 18.79
C LEU B 173 -12.42 2.86 19.72
N VAL B 174 -13.57 3.51 19.86
CA VAL B 174 -14.58 3.10 20.82
C VAL B 174 -16.02 3.28 20.30
N GLY B 175 -16.29 2.73 19.12
CA GLY B 175 -17.63 2.74 18.55
C GLY B 175 -17.69 3.23 17.11
N TRP B 176 -17.80 4.53 16.94
CA TRP B 176 -18.04 5.12 15.60
C TRP B 176 -16.89 4.92 14.61
N SER B 177 -17.04 3.89 13.77
CA SER B 177 -16.11 3.60 12.66
C SER B 177 -14.81 2.96 13.15
N ARG B 178 -13.77 3.04 12.32
CA ARG B 178 -12.51 2.36 12.57
C ARG B 178 -11.38 2.98 11.76
N TYR B 179 -10.16 2.95 12.31
CA TYR B 179 -8.97 3.31 11.55
C TYR B 179 -8.54 2.10 10.71
N ILE B 180 -8.02 2.37 9.51
CA ILE B 180 -7.76 1.34 8.51
C ILE B 180 -6.78 1.88 7.47
N PRO B 181 -5.85 1.02 6.98
CA PRO B 181 -4.87 1.48 6.00
C PRO B 181 -5.46 2.00 4.69
N GLU B 182 -4.78 2.99 4.11
CA GLU B 182 -5.27 3.71 2.94
C GLU B 182 -4.31 3.57 1.76
N GLY B 183 -4.86 3.42 0.56
CA GLY B 183 -4.08 3.41 -0.69
C GLY B 183 -2.92 2.42 -0.70
N MET B 184 -1.71 2.92 -0.52
CA MET B 184 -0.52 2.07 -0.50
C MET B 184 -0.36 1.33 0.83
N GLN B 185 -1.34 1.48 1.73
CA GLN B 185 -1.39 0.75 2.99
C GLN B 185 -0.16 1.01 3.84
N CYS B 186 0.13 2.30 4.04
CA CYS B 186 1.25 2.73 4.88
C CYS B 186 0.84 3.86 5.84
N SER B 187 -0.06 4.73 5.38
CA SER B 187 -0.78 5.62 6.28
C SER B 187 -1.98 4.85 6.88
N CYS B 188 -2.69 5.47 7.82
CA CYS B 188 -3.92 4.88 8.38
C CYS B 188 -4.89 5.97 8.86
N GLY B 189 -6.02 6.08 8.17
CA GLY B 189 -7.05 7.07 8.51
C GLY B 189 -8.40 6.43 8.70
N ILE B 190 -9.45 7.24 8.64
CA ILE B 190 -10.83 6.78 8.86
C ILE B 190 -11.31 5.94 7.67
N ASP B 191 -12.27 5.06 7.92
CA ASP B 191 -12.87 4.25 6.86
C ASP B 191 -13.79 5.12 5.99
N TYR B 192 -13.32 5.41 4.77
CA TYR B 192 -14.08 6.22 3.81
C TYR B 192 -14.81 5.35 2.77
N TYR B 193 -14.56 4.05 2.79
CA TYR B 193 -14.83 3.19 1.63
C TYR B 193 -16.03 2.24 1.79
N THR B 194 -16.24 1.74 3.01
CA THR B 194 -17.16 0.62 3.24
C THR B 194 -18.30 0.97 4.19
N PRO B 195 -19.35 0.12 4.25
CA PRO B 195 -20.41 0.31 5.24
C PRO B 195 -20.02 -0.18 6.63
N HIS B 196 -19.58 -1.45 6.71
CA HIS B 196 -19.28 -2.09 8.00
C HIS B 196 -20.27 -1.63 9.06
N GLU B 197 -21.53 -1.96 8.84
CA GLU B 197 -22.63 -1.57 9.73
C GLU B 197 -22.41 -2.09 11.16
N GLU B 198 -21.62 -3.16 11.28
CA GLU B 198 -21.22 -3.73 12.56
C GLU B 198 -20.52 -2.72 13.50
N THR B 199 -20.00 -1.62 12.93
CA THR B 199 -19.38 -0.57 13.74
C THR B 199 -19.83 0.85 13.37
N ASN B 200 -20.95 0.98 12.66
CA ASN B 200 -21.52 2.30 12.31
C ASN B 200 -20.54 3.25 11.63
N ASN B 201 -20.29 3.06 10.33
CA ASN B 201 -19.41 3.96 9.58
C ASN B 201 -20.13 5.19 9.09
N GLU B 202 -21.15 4.97 8.27
CA GLU B 202 -21.87 6.05 7.59
C GLU B 202 -22.33 7.15 8.56
N SER B 203 -22.74 6.74 9.75
CA SER B 203 -23.21 7.67 10.78
C SER B 203 -22.10 8.52 11.43
N PHE B 204 -20.86 8.03 11.41
CA PHE B 204 -19.72 8.83 11.86
C PHE B 204 -19.33 9.87 10.81
N VAL B 205 -19.43 9.48 9.54
CA VAL B 205 -18.98 10.31 8.42
C VAL B 205 -19.79 11.60 8.30
N ILE B 206 -21.11 11.48 8.43
CA ILE B 206 -22.02 12.64 8.43
C ILE B 206 -21.53 13.63 9.49
N TYR B 207 -21.42 13.13 10.72
CA TYR B 207 -20.94 13.90 11.86
C TYR B 207 -19.55 14.52 11.61
N MET B 208 -18.69 13.81 10.88
CA MET B 208 -17.35 14.30 10.60
C MET B 208 -17.30 15.34 9.48
N PHE B 209 -18.11 15.16 8.44
CA PHE B 209 -18.10 16.09 7.29
C PHE B 209 -18.67 17.46 7.62
N VAL B 210 -19.66 17.52 8.52
CA VAL B 210 -20.26 18.79 8.91
C VAL B 210 -19.53 19.37 10.13
N VAL B 211 -19.58 18.62 11.24
CA VAL B 211 -19.10 19.14 12.52
C VAL B 211 -17.58 19.29 12.55
N HIS B 212 -16.87 18.33 11.95
CA HIS B 212 -15.39 18.34 11.96
C HIS B 212 -14.75 18.84 10.66
N PHE B 213 -15.50 19.57 9.83
CA PHE B 213 -14.93 20.15 8.61
C PHE B 213 -15.69 21.39 8.13
N ILE B 214 -16.96 21.21 7.75
CA ILE B 214 -17.74 22.29 7.14
C ILE B 214 -18.21 23.32 8.18
N ILE B 215 -18.36 22.92 9.45
CA ILE B 215 -18.68 23.86 10.53
C ILE B 215 -17.53 24.86 10.77
N PRO B 216 -16.31 24.36 11.05
CA PRO B 216 -15.15 25.25 11.09
C PRO B 216 -14.80 25.98 9.78
N LEU B 217 -15.29 25.50 8.63
CA LEU B 217 -15.02 26.16 7.34
C LEU B 217 -15.97 27.33 7.10
N ILE B 218 -17.26 27.14 7.42
CA ILE B 218 -18.26 28.20 7.30
C ILE B 218 -18.07 29.28 8.37
N VAL B 219 -17.67 28.87 9.57
CA VAL B 219 -17.31 29.81 10.64
C VAL B 219 -16.09 30.66 10.26
N ILE B 220 -15.20 30.12 9.43
CA ILE B 220 -14.02 30.85 8.92
C ILE B 220 -14.30 31.50 7.54
N PHE B 221 -15.57 31.45 7.12
CA PHE B 221 -16.09 32.33 6.04
C PHE B 221 -16.98 33.44 6.62
N PHE B 222 -17.62 33.16 7.76
CA PHE B 222 -18.57 34.09 8.39
C PHE B 222 -17.87 35.27 9.07
N CYS B 223 -16.72 35.00 9.70
CA CYS B 223 -15.90 36.04 10.33
C CYS B 223 -14.86 36.62 9.36
N TYR B 224 -14.45 35.82 8.37
CA TYR B 224 -13.66 36.33 7.26
C TYR B 224 -14.47 37.33 6.45
N GLY B 225 -15.77 37.09 6.33
CA GLY B 225 -16.67 37.94 5.54
C GLY B 225 -16.97 39.32 6.13
N GLN B 226 -16.86 39.45 7.45
CA GLN B 226 -17.09 40.75 8.13
C GLN B 226 -15.81 41.57 8.30
N LEU B 227 -14.68 41.02 7.85
CA LEU B 227 -13.39 41.73 7.81
C LEU B 227 -13.06 42.23 6.38
N VAL B 228 -14.05 42.19 5.50
CA VAL B 228 -13.90 42.61 4.09
C VAL B 228 -13.91 44.14 3.95
N PHE B 229 -14.73 44.80 4.75
CA PHE B 229 -14.81 46.28 4.73
C PHE B 229 -13.46 46.93 5.08
N THR B 230 -12.66 46.23 5.89
CA THR B 230 -11.38 46.75 6.38
C THR B 230 -10.24 46.78 5.31
N VAL B 231 -10.12 45.77 4.45
CA VAL B 231 -9.14 45.80 3.32
C VAL B 231 -9.69 45.09 2.06
N LYS B 232 -10.04 45.89 1.05
CA LYS B 232 -10.60 45.37 -0.20
C LYS B 232 -10.40 46.37 -1.37
N GLU B 233 -11.30 47.36 -1.48
CA GLU B 233 -11.24 48.40 -2.51
C GLU B 233 -11.32 49.78 -1.84
N ALA B 234 -11.30 50.85 -2.64
CA ALA B 234 -11.50 52.22 -2.11
C ALA B 234 -11.99 53.23 -3.17
N ALA B 235 -12.81 52.76 -4.12
CA ALA B 235 -13.36 53.59 -5.20
C ALA B 235 -12.28 54.15 -6.14
N GLN B 239 -9.13 58.28 5.69
CA GLN B 239 -8.88 59.20 6.80
C GLN B 239 -7.50 58.98 7.42
N GLU B 240 -7.31 57.79 8.00
CA GLU B 240 -6.24 57.55 8.97
C GLU B 240 -4.84 57.44 8.36
N SER B 241 -3.97 58.39 8.72
CA SER B 241 -2.54 58.29 8.45
C SER B 241 -1.97 57.19 9.35
N ALA B 242 -2.03 55.95 8.84
CA ALA B 242 -1.86 54.73 9.65
C ALA B 242 -0.42 54.50 10.14
N THR B 243 -0.28 54.26 11.45
CA THR B 243 1.00 53.87 12.04
C THR B 243 0.91 52.55 12.81
N THR B 244 -0.05 52.48 13.73
CA THR B 244 -0.31 51.27 14.54
C THR B 244 -0.99 50.18 13.71
N GLN B 245 -1.84 50.59 12.76
CA GLN B 245 -2.51 49.66 11.85
C GLN B 245 -1.52 48.85 10.99
N LYS B 246 -0.63 49.57 10.30
CA LYS B 246 0.14 49.01 9.18
C LYS B 246 1.11 47.89 9.57
N ALA B 247 1.72 48.00 10.75
CA ALA B 247 2.54 46.93 11.31
C ALA B 247 1.69 45.70 11.67
N GLU B 248 0.44 45.94 12.08
CA GLU B 248 -0.50 44.89 12.47
C GLU B 248 -1.50 44.50 11.37
N LYS B 249 -1.18 44.82 10.11
CA LYS B 249 -1.98 44.38 8.97
C LYS B 249 -1.23 43.34 8.10
N GLU B 250 0.03 43.07 8.44
CA GLU B 250 0.79 41.94 7.86
C GLU B 250 0.72 40.69 8.75
N VAL B 251 0.37 40.89 10.03
CA VAL B 251 0.19 39.79 10.97
C VAL B 251 -1.21 39.19 10.79
N THR B 252 -2.16 40.03 10.38
CA THR B 252 -3.47 39.56 9.91
C THR B 252 -3.29 38.76 8.62
N ARG B 253 -2.36 39.20 7.77
CA ARG B 253 -2.05 38.53 6.51
C ARG B 253 -1.42 37.16 6.71
N MET B 254 -0.46 37.08 7.63
CA MET B 254 0.22 35.82 7.97
C MET B 254 -0.76 34.67 8.23
N VAL B 255 -1.78 34.94 9.05
CA VAL B 255 -2.85 34.00 9.34
C VAL B 255 -3.54 33.50 8.07
N ILE B 256 -3.78 34.42 7.13
CA ILE B 256 -4.45 34.08 5.87
C ILE B 256 -3.58 33.13 5.02
N ILE B 257 -2.26 33.25 5.13
CA ILE B 257 -1.34 32.38 4.38
C ILE B 257 -1.39 30.94 4.93
N MET B 258 -1.64 30.80 6.24
CA MET B 258 -1.85 29.49 6.86
C MET B 258 -3.32 29.02 6.77
N VAL B 259 -4.20 29.89 6.31
CA VAL B 259 -5.54 29.50 5.86
C VAL B 259 -5.45 29.05 4.40
N ILE B 260 -4.61 29.72 3.62
CA ILE B 260 -4.36 29.37 2.21
C ILE B 260 -3.59 28.04 2.09
N ALA B 261 -2.38 28.00 2.63
CA ALA B 261 -1.51 26.81 2.55
C ALA B 261 -2.18 25.54 3.10
N PHE B 262 -3.02 25.71 4.11
CA PHE B 262 -3.88 24.65 4.62
C PHE B 262 -4.78 24.11 3.51
N LEU B 263 -5.46 25.03 2.82
CA LEU B 263 -6.41 24.69 1.75
C LEU B 263 -5.78 24.31 0.41
N ILE B 264 -4.47 24.46 0.28
CA ILE B 264 -3.75 23.90 -0.87
C ILE B 264 -3.41 22.43 -0.58
N CYS B 265 -3.05 22.15 0.67
CA CYS B 265 -2.55 20.83 1.06
C CYS B 265 -3.67 19.84 1.38
N TRP B 266 -4.64 20.27 2.20
CA TRP B 266 -5.68 19.37 2.72
C TRP B 266 -6.93 19.21 1.84
N LEU B 267 -7.08 20.07 0.83
CA LEU B 267 -8.25 20.02 -0.04
C LEU B 267 -8.19 18.82 -1.01
N PRO B 268 -7.04 18.62 -1.71
CA PRO B 268 -6.94 17.45 -2.59
C PRO B 268 -7.34 16.14 -1.89
N TYR B 269 -6.92 16.01 -0.63
CA TYR B 269 -7.29 14.87 0.20
C TYR B 269 -8.78 14.95 0.59
N ALA B 270 -9.19 16.08 1.14
CA ALA B 270 -10.58 16.28 1.57
C ALA B 270 -11.58 16.02 0.44
N GLY B 271 -11.30 16.56 -0.75
CA GLY B 271 -12.19 16.44 -1.90
C GLY B 271 -12.21 15.04 -2.49
N VAL B 272 -11.03 14.44 -2.67
CA VAL B 272 -10.92 13.07 -3.16
C VAL B 272 -11.56 12.08 -2.17
N ALA B 273 -11.51 12.40 -0.88
CA ALA B 273 -12.15 11.57 0.14
C ALA B 273 -13.66 11.52 -0.03
N PHE B 274 -14.23 12.63 -0.48
CA PHE B 274 -15.67 12.71 -0.78
C PHE B 274 -16.03 11.95 -2.07
N TYR B 275 -15.16 12.06 -3.09
CA TYR B 275 -15.33 11.36 -4.37
C TYR B 275 -15.43 9.84 -4.17
N ILE B 276 -14.61 9.32 -3.25
CA ILE B 276 -14.62 7.90 -2.92
C ILE B 276 -15.87 7.55 -2.09
N PHE B 277 -16.23 8.43 -1.15
CA PHE B 277 -17.41 8.20 -0.31
C PHE B 277 -18.72 8.24 -1.11
N THR B 278 -18.70 8.90 -2.27
CA THR B 278 -19.83 8.85 -3.21
C THR B 278 -19.71 7.59 -4.07
N HIS B 279 -18.51 7.34 -4.59
CA HIS B 279 -18.22 6.18 -5.45
C HIS B 279 -17.73 5.01 -4.60
N GLN B 280 -18.64 4.47 -3.79
CA GLN B 280 -18.31 3.47 -2.78
C GLN B 280 -17.89 2.12 -3.38
N GLY B 281 -16.64 2.06 -3.83
CA GLY B 281 -16.08 0.84 -4.40
C GLY B 281 -15.90 0.85 -5.92
N SER B 282 -15.62 2.02 -6.48
CA SER B 282 -15.29 2.14 -7.89
C SER B 282 -13.85 1.67 -8.10
N ASP B 283 -13.39 1.64 -9.35
CA ASP B 283 -12.04 1.18 -9.68
C ASP B 283 -10.97 2.28 -9.45
N PHE B 284 -11.10 2.99 -8.32
CA PHE B 284 -10.13 4.04 -7.95
C PHE B 284 -8.87 3.38 -7.41
N GLY B 285 -7.71 3.88 -7.84
CA GLY B 285 -6.43 3.24 -7.57
C GLY B 285 -5.91 3.45 -6.16
N PRO B 286 -4.64 3.05 -5.93
CA PRO B 286 -3.94 3.27 -4.67
C PRO B 286 -3.31 4.66 -4.60
N ILE B 287 -2.60 5.04 -5.66
CA ILE B 287 -1.95 6.36 -5.76
C ILE B 287 -2.97 7.46 -5.45
N PHE B 288 -4.10 7.36 -6.16
CA PHE B 288 -5.24 8.27 -6.07
C PHE B 288 -5.53 8.80 -4.65
N MET B 289 -5.56 7.90 -3.67
CA MET B 289 -5.93 8.25 -2.30
C MET B 289 -4.70 8.56 -1.42
N THR B 290 -3.58 7.91 -1.72
CA THR B 290 -2.36 8.08 -0.93
C THR B 290 -1.79 9.48 -1.09
N ILE B 291 -1.41 9.82 -2.33
CA ILE B 291 -0.64 11.04 -2.63
C ILE B 291 -1.16 12.31 -1.94
N PRO B 292 -2.47 12.59 -2.05
CA PRO B 292 -2.97 13.79 -1.39
C PRO B 292 -2.83 13.76 0.14
N ALA B 293 -2.93 12.58 0.74
CA ALA B 293 -2.70 12.43 2.17
C ALA B 293 -1.28 12.89 2.54
N PHE B 294 -0.27 12.31 1.88
CA PHE B 294 1.14 12.64 2.15
C PHE B 294 1.51 14.04 1.68
N PHE B 295 0.81 14.55 0.67
CA PHE B 295 0.92 15.95 0.28
C PHE B 295 0.23 16.84 1.33
N ALA B 296 -0.86 16.34 1.89
CA ALA B 296 -1.57 17.04 2.97
C ALA B 296 -0.81 16.94 4.29
N LYS B 297 -0.01 15.89 4.46
CA LYS B 297 0.72 15.65 5.71
C LYS B 297 2.01 16.47 5.86
N THR B 298 2.17 17.52 5.06
CA THR B 298 3.21 18.55 5.31
C THR B 298 2.72 19.56 6.36
N SER B 299 1.54 19.33 6.91
CA SER B 299 0.90 20.22 7.91
C SER B 299 1.84 20.68 9.02
N ALA B 300 2.65 19.77 9.53
CA ALA B 300 3.50 20.03 10.69
C ALA B 300 4.79 20.78 10.38
N VAL B 301 5.06 21.02 9.10
CA VAL B 301 6.32 21.65 8.69
C VAL B 301 6.14 23.09 8.24
N TYR B 302 5.07 23.41 7.52
CA TYR B 302 4.87 24.77 6.98
C TYR B 302 4.32 25.78 8.00
N ASN B 303 3.84 25.30 9.14
CA ASN B 303 3.29 26.19 10.17
C ASN B 303 4.29 27.22 10.71
N PRO B 304 5.47 26.76 11.17
CA PRO B 304 6.42 27.70 11.77
C PRO B 304 7.39 28.40 10.79
N VAL B 305 7.39 28.01 9.51
CA VAL B 305 8.30 28.62 8.52
C VAL B 305 7.83 30.02 8.17
N ILE B 306 6.53 30.15 7.89
CA ILE B 306 5.90 31.44 7.59
C ILE B 306 5.75 32.25 8.87
N TYR B 307 5.61 31.55 9.99
CA TYR B 307 5.60 32.15 11.34
C TYR B 307 6.93 32.85 11.66
N ILE B 308 8.01 32.39 11.02
CA ILE B 308 9.33 33.02 11.12
C ILE B 308 9.56 34.02 9.97
N MET B 309 9.02 33.74 8.79
CA MET B 309 9.25 34.59 7.60
C MET B 309 8.32 35.81 7.50
N MET B 310 7.44 36.00 8.49
CA MET B 310 6.52 37.14 8.47
C MET B 310 6.49 37.94 9.78
N ASN B 311 6.49 37.26 10.93
CA ASN B 311 6.36 37.93 12.23
C ASN B 311 7.73 38.19 12.89
N LYS B 312 8.05 39.46 13.12
CA LYS B 312 9.34 39.83 13.74
C LYS B 312 9.38 39.57 15.26
N GLN B 313 8.22 39.51 15.89
CA GLN B 313 8.12 39.32 17.34
C GLN B 313 8.47 37.88 17.77
N PHE B 314 8.48 36.94 16.82
CA PHE B 314 9.03 35.60 17.04
C PHE B 314 10.36 35.39 16.31
N ARG B 315 10.42 35.86 15.06
CA ARG B 315 11.57 35.71 14.17
C ARG B 315 12.89 36.07 14.82
N ASN B 316 12.88 37.16 15.59
CA ASN B 316 14.07 37.62 16.31
C ASN B 316 14.43 36.67 17.45
N CYS B 317 13.46 36.41 18.33
CA CYS B 317 13.65 35.54 19.50
C CYS B 317 14.32 34.21 19.19
N MET B 318 13.94 33.61 18.06
CA MET B 318 14.46 32.30 17.68
C MET B 318 15.97 32.36 17.44
N VAL B 319 16.41 33.34 16.65
CA VAL B 319 17.83 33.50 16.33
C VAL B 319 18.63 33.85 17.60
N THR B 320 17.97 34.50 18.56
CA THR B 320 18.60 34.94 19.82
C THR B 320 19.02 33.76 20.73
N THR B 321 18.10 32.81 20.94
CA THR B 321 18.44 31.56 21.62
C THR B 321 19.40 30.76 20.74
N LEU B 322 19.17 30.79 19.43
CA LEU B 322 20.05 30.15 18.45
C LEU B 322 21.45 30.73 18.41
N CYS B 323 21.55 32.03 18.69
CA CYS B 323 22.82 32.74 18.66
C CYS B 323 23.78 32.06 19.64
N CYS B 324 23.60 32.38 20.93
CA CYS B 324 24.63 32.21 21.98
C CYS B 324 25.69 33.31 21.82
N GLY B 325 25.21 34.55 21.82
CA GLY B 325 26.02 35.75 21.60
C GLY B 325 25.26 36.80 20.81
N LYS B 326 24.10 37.18 21.33
CA LYS B 326 23.15 38.06 20.61
C LYS B 326 23.62 39.52 20.52
N ASN B 327 22.98 40.28 19.63
CA ASN B 327 23.28 41.70 19.44
C ASN B 327 22.02 42.51 19.06
N PRO B 328 21.99 43.82 19.41
CA PRO B 328 20.81 44.69 19.20
C PRO B 328 20.57 45.09 17.74
C ACE C 1 -18.82 -4.68 0.79
O ACE C 1 -19.81 -4.23 0.20
CH3 ACE C 1 -18.82 -4.89 2.28
N MET C 2 -17.72 -5.08 0.16
CA MET C 2 -17.79 -5.93 -1.03
C MET C 2 -18.80 -7.05 -0.82
N ASN C 3 -19.91 -7.00 -1.56
CA ASN C 3 -20.94 -8.04 -1.49
C ASN C 3 -20.52 -9.26 -2.31
N GLY C 4 -19.59 -10.04 -1.76
CA GLY C 4 -19.04 -11.21 -2.45
C GLY C 4 -17.55 -11.35 -2.20
N THR C 5 -16.86 -12.08 -3.06
CA THR C 5 -15.41 -12.24 -2.98
C THR C 5 -14.88 -12.79 -4.31
N GLU C 6 -13.79 -12.21 -4.81
CA GLU C 6 -13.34 -12.46 -6.18
C GLU C 6 -11.96 -13.10 -6.26
N GLY C 7 -11.71 -13.80 -7.36
CA GLY C 7 -10.38 -14.38 -7.66
C GLY C 7 -10.14 -14.54 -9.16
N PRO C 8 -9.05 -15.24 -9.54
CA PRO C 8 -8.69 -15.39 -10.96
C PRO C 8 -9.60 -16.32 -11.73
N ASN C 9 -10.12 -17.35 -11.08
CA ASN C 9 -10.99 -18.31 -11.73
C ASN C 9 -12.22 -18.64 -10.89
N PHE C 10 -12.69 -17.69 -10.09
CA PHE C 10 -13.85 -17.94 -9.22
C PHE C 10 -14.52 -16.67 -8.67
N TYR C 11 -15.86 -16.66 -8.74
CA TYR C 11 -16.69 -15.64 -8.12
C TYR C 11 -17.63 -16.38 -7.19
N VAL C 12 -17.85 -15.85 -6.00
CA VAL C 12 -18.71 -16.48 -5.01
C VAL C 12 -19.47 -15.41 -4.23
N PRO C 13 -20.79 -15.57 -4.08
CA PRO C 13 -21.59 -14.56 -3.39
C PRO C 13 -21.57 -14.71 -1.87
N PHE C 14 -20.44 -14.36 -1.25
CA PHE C 14 -20.37 -14.24 0.20
C PHE C 14 -19.22 -13.34 0.60
N SER C 15 -19.44 -12.53 1.64
CA SER C 15 -18.47 -11.53 2.08
C SER C 15 -17.42 -12.14 3.01
N ASN C 16 -16.14 -11.95 2.69
CA ASN C 16 -15.06 -12.38 3.58
C ASN C 16 -14.89 -11.45 4.79
N LYS C 17 -15.72 -10.42 4.86
CA LYS C 17 -15.92 -9.63 6.09
C LYS C 17 -15.98 -10.53 7.33
N THR C 18 -16.67 -11.66 7.21
CA THR C 18 -16.73 -12.68 8.26
C THR C 18 -15.58 -13.69 8.09
N GLY C 19 -14.38 -13.19 7.79
CA GLY C 19 -13.17 -13.98 7.64
C GLY C 19 -13.32 -15.49 7.57
N VAL C 20 -14.04 -15.96 6.57
CA VAL C 20 -14.23 -17.41 6.37
C VAL C 20 -14.35 -17.84 4.89
N VAL C 21 -14.31 -16.89 3.96
CA VAL C 21 -14.48 -17.20 2.54
C VAL C 21 -13.19 -17.77 1.98
N ARG C 22 -13.32 -18.61 0.96
CA ARG C 22 -12.17 -19.25 0.33
C ARG C 22 -12.58 -19.93 -0.97
N SER C 23 -11.58 -20.37 -1.74
CA SER C 23 -11.81 -20.94 -3.07
C SER C 23 -12.75 -22.15 -3.05
N PRO C 24 -13.53 -22.35 -4.14
CA PRO C 24 -14.43 -23.50 -4.19
C PRO C 24 -13.80 -24.70 -4.87
N PHE C 25 -12.47 -24.72 -4.95
CA PHE C 25 -11.73 -25.70 -5.73
C PHE C 25 -10.92 -26.69 -4.88
N GLU C 26 -10.75 -26.40 -3.59
CA GLU C 26 -10.06 -27.30 -2.67
C GLU C 26 -10.87 -27.61 -1.41
N ALA C 27 -11.58 -26.60 -0.89
CA ALA C 27 -12.38 -26.75 0.32
C ALA C 27 -13.86 -26.67 -0.03
N PRO C 28 -14.73 -27.11 0.89
CA PRO C 28 -16.15 -27.02 0.62
C PRO C 28 -16.70 -25.65 1.00
N GLN C 29 -17.74 -25.21 0.29
CA GLN C 29 -18.33 -23.89 0.51
C GLN C 29 -19.54 -23.97 1.44
N TYR C 30 -19.36 -24.59 2.60
CA TYR C 30 -20.48 -24.80 3.54
C TYR C 30 -20.97 -23.52 4.23
N TYR C 31 -20.28 -22.40 3.99
CA TYR C 31 -20.73 -21.09 4.49
C TYR C 31 -21.69 -20.38 3.52
N LEU C 32 -22.04 -21.04 2.42
CA LEU C 32 -23.02 -20.50 1.47
C LEU C 32 -24.45 -20.87 1.89
N ALA C 33 -24.60 -22.06 2.43
CA ALA C 33 -25.91 -22.56 2.85
C ALA C 33 -25.76 -23.61 3.93
N GLU C 34 -26.89 -24.16 4.38
CA GLU C 34 -26.88 -25.20 5.41
C GLU C 34 -26.55 -26.55 4.76
N PRO C 35 -25.79 -27.42 5.47
CA PRO C 35 -25.38 -28.73 4.94
C PRO C 35 -26.50 -29.54 4.28
N TRP C 36 -27.65 -29.58 4.94
CA TRP C 36 -28.77 -30.39 4.47
C TRP C 36 -29.29 -29.95 3.11
N GLN C 37 -29.24 -28.65 2.82
CA GLN C 37 -29.75 -28.15 1.53
C GLN C 37 -29.02 -28.75 0.34
N PHE C 38 -27.72 -28.97 0.49
CA PHE C 38 -26.91 -29.58 -0.57
C PHE C 38 -27.40 -31.00 -0.87
N SER C 39 -27.60 -31.78 0.19
CA SER C 39 -28.10 -33.16 0.05
C SER C 39 -29.36 -33.25 -0.82
N MET C 40 -30.22 -32.24 -0.71
CA MET C 40 -31.42 -32.19 -1.52
C MET C 40 -31.07 -31.95 -2.99
N LEU C 41 -30.14 -31.04 -3.25
CA LEU C 41 -29.70 -30.79 -4.63
C LEU C 41 -29.13 -32.06 -5.27
N ALA C 42 -28.55 -32.94 -4.46
CA ALA C 42 -28.12 -34.25 -4.94
C ALA C 42 -29.33 -35.14 -5.21
N ALA C 43 -30.20 -35.29 -4.22
CA ALA C 43 -31.44 -36.06 -4.37
C ALA C 43 -32.22 -35.59 -5.59
N TYR C 44 -32.32 -34.28 -5.74
CA TYR C 44 -32.85 -33.65 -6.94
C TYR C 44 -32.08 -34.15 -8.15
N MET C 45 -30.76 -34.03 -8.09
CA MET C 45 -29.88 -34.41 -9.22
C MET C 45 -29.97 -35.87 -9.62
N PHE C 46 -30.05 -36.77 -8.63
CA PHE C 46 -30.14 -38.20 -8.92
C PHE C 46 -31.37 -38.51 -9.79
N LEU C 47 -32.49 -37.86 -9.47
CA LEU C 47 -33.71 -38.03 -10.24
C LEU C 47 -33.55 -37.55 -11.68
N LEU C 48 -32.78 -36.47 -11.87
CA LEU C 48 -32.50 -35.95 -13.21
C LEU C 48 -31.66 -36.93 -14.03
N ILE C 49 -30.82 -37.72 -13.35
CA ILE C 49 -30.07 -38.78 -14.02
C ILE C 49 -30.95 -40.01 -14.21
N MET C 50 -31.69 -40.37 -13.15
CA MET C 50 -32.52 -41.58 -13.15
C MET C 50 -33.55 -41.61 -14.28
N LEU C 51 -34.41 -40.59 -14.32
CA LEU C 51 -35.52 -40.57 -15.26
C LEU C 51 -35.09 -40.11 -16.65
N GLY C 52 -34.05 -39.28 -16.71
CA GLY C 52 -33.57 -38.74 -17.97
C GLY C 52 -32.99 -39.80 -18.89
N PHE C 53 -31.87 -40.39 -18.48
CA PHE C 53 -31.14 -41.37 -19.29
C PHE C 53 -32.05 -42.36 -20.04
N PRO C 54 -32.87 -43.14 -19.30
CA PRO C 54 -33.62 -44.22 -19.95
C PRO C 54 -34.63 -43.71 -20.98
N ILE C 55 -35.42 -42.71 -20.61
CA ILE C 55 -36.52 -42.27 -21.47
C ILE C 55 -35.96 -41.64 -22.75
N ASN C 56 -34.77 -41.07 -22.68
CA ASN C 56 -34.07 -40.57 -23.87
C ASN C 56 -33.42 -41.70 -24.65
N PHE C 57 -32.66 -42.53 -23.95
CA PHE C 57 -31.95 -43.66 -24.55
C PHE C 57 -32.91 -44.72 -25.10
N LEU C 58 -34.07 -44.86 -24.47
CA LEU C 58 -35.09 -45.81 -24.93
C LEU C 58 -35.75 -45.32 -26.22
N THR C 59 -35.96 -44.02 -26.33
CA THR C 59 -36.47 -43.40 -27.57
C THR C 59 -35.43 -43.44 -28.68
N LEU C 60 -34.15 -43.42 -28.31
CA LEU C 60 -33.05 -43.64 -29.25
C LEU C 60 -33.04 -45.09 -29.76
N TYR C 61 -33.39 -46.03 -28.90
CA TYR C 61 -33.39 -47.47 -29.21
C TYR C 61 -34.72 -47.95 -29.83
N VAL C 62 -35.82 -47.31 -29.46
CA VAL C 62 -37.12 -47.58 -30.08
C VAL C 62 -37.09 -47.23 -31.56
N THR C 63 -36.61 -46.02 -31.88
CA THR C 63 -36.60 -45.50 -33.25
C THR C 63 -35.62 -46.25 -34.17
N VAL C 64 -34.42 -46.52 -33.67
CA VAL C 64 -33.39 -47.23 -34.45
C VAL C 64 -33.86 -48.63 -34.90
N GLN C 65 -34.60 -49.33 -34.04
CA GLN C 65 -35.18 -50.63 -34.40
C GLN C 65 -36.44 -50.44 -35.24
N HIS C 66 -37.37 -49.62 -34.74
CA HIS C 66 -38.63 -49.34 -35.45
C HIS C 66 -38.41 -48.28 -36.53
N LYS C 67 -38.21 -48.73 -37.76
CA LYS C 67 -37.89 -47.84 -38.88
C LYS C 67 -39.08 -47.04 -39.43
N LYS C 68 -40.28 -47.30 -38.92
CA LYS C 68 -41.49 -46.57 -39.36
C LYS C 68 -41.69 -45.21 -38.68
N LEU C 69 -40.73 -44.80 -37.84
CA LEU C 69 -40.76 -43.48 -37.20
C LEU C 69 -39.68 -42.55 -37.75
N ARG C 70 -39.51 -42.55 -39.07
CA ARG C 70 -38.59 -41.64 -39.77
C ARG C 70 -39.35 -40.38 -40.20
N THR C 71 -40.33 -39.97 -39.40
CA THR C 71 -41.19 -38.85 -39.75
C THR C 71 -40.54 -37.54 -39.31
N PRO C 72 -40.77 -36.44 -40.07
CA PRO C 72 -40.22 -35.12 -39.69
C PRO C 72 -40.64 -34.63 -38.29
N LEU C 73 -41.72 -35.19 -37.75
CA LEU C 73 -42.10 -34.99 -36.36
C LEU C 73 -41.12 -35.68 -35.42
N ASN C 74 -40.92 -36.98 -35.63
CA ASN C 74 -40.04 -37.80 -34.78
C ASN C 74 -38.54 -37.53 -35.02
N TYR C 75 -38.21 -36.93 -36.17
CA TYR C 75 -36.83 -36.54 -36.49
C TYR C 75 -36.28 -35.51 -35.50
N ILE C 76 -37.07 -34.48 -35.22
CA ILE C 76 -36.68 -33.44 -34.26
C ILE C 76 -36.66 -33.99 -32.84
N LEU C 77 -37.65 -34.81 -32.49
CA LEU C 77 -37.69 -35.42 -31.14
C LEU C 77 -36.83 -36.68 -31.02
N LEU C 78 -36.03 -36.98 -32.06
CA LEU C 78 -34.89 -37.89 -31.94
C LEU C 78 -33.57 -37.10 -31.83
N ASN C 79 -33.63 -35.79 -32.11
CA ASN C 79 -32.48 -34.90 -31.93
C ASN C 79 -32.35 -34.45 -30.48
N LEU C 80 -33.48 -34.26 -29.81
CA LEU C 80 -33.48 -33.82 -28.41
C LEU C 80 -33.09 -34.94 -27.45
N ALA C 81 -33.60 -36.14 -27.68
CA ALA C 81 -33.20 -37.32 -26.89
C ALA C 81 -31.69 -37.51 -26.94
N VAL C 82 -31.12 -37.34 -28.14
CA VAL C 82 -29.66 -37.37 -28.34
C VAL C 82 -28.97 -36.34 -27.45
N ALA C 83 -29.40 -35.09 -27.56
CA ALA C 83 -28.79 -33.98 -26.81
C ALA C 83 -29.03 -34.06 -25.30
N ASP C 84 -30.11 -34.73 -24.90
CA ASP C 84 -30.41 -34.95 -23.48
C ASP C 84 -29.40 -35.89 -22.83
N LEU C 85 -28.98 -36.91 -23.58
CA LEU C 85 -28.04 -37.90 -23.06
C LEU C 85 -26.65 -37.34 -22.76
N PHE C 86 -26.27 -36.28 -23.46
CA PHE C 86 -25.02 -35.57 -23.16
C PHE C 86 -25.12 -34.82 -21.82
N MET C 87 -26.31 -34.32 -21.51
CA MET C 87 -26.54 -33.64 -20.23
C MET C 87 -26.65 -34.61 -19.04
N VAL C 88 -26.93 -35.88 -19.33
CA VAL C 88 -26.98 -36.89 -18.27
C VAL C 88 -25.56 -37.36 -17.92
N PHE C 89 -24.91 -37.99 -18.89
CA PHE C 89 -23.54 -38.50 -18.68
C PHE C 89 -22.50 -37.38 -18.53
N GLY C 90 -22.80 -36.20 -19.07
CA GLY C 90 -21.92 -35.05 -18.94
C GLY C 90 -22.38 -34.10 -17.85
N GLY C 91 -23.39 -33.29 -18.18
CA GLY C 91 -23.84 -32.21 -17.30
C GLY C 91 -24.37 -32.58 -15.93
N PHE C 92 -25.07 -33.72 -15.85
CA PHE C 92 -25.67 -34.17 -14.58
C PHE C 92 -24.68 -34.93 -13.69
N THR C 93 -23.98 -35.90 -14.26
CA THR C 93 -22.97 -36.63 -13.49
C THR C 93 -21.97 -35.64 -12.90
N THR C 94 -21.41 -34.80 -13.77
CA THR C 94 -20.44 -33.78 -13.34
C THR C 94 -20.90 -33.10 -12.06
N THR C 95 -22.11 -32.56 -12.08
CA THR C 95 -22.61 -31.81 -10.94
C THR C 95 -23.01 -32.70 -9.77
N LEU C 96 -23.49 -33.91 -10.05
CA LEU C 96 -23.90 -34.85 -8.99
C LEU C 96 -22.77 -34.98 -7.98
N TYR C 97 -21.59 -35.36 -8.48
CA TYR C 97 -20.37 -35.46 -7.69
C TYR C 97 -20.23 -34.25 -6.76
N THR C 98 -20.39 -33.07 -7.34
CA THR C 98 -20.16 -31.80 -6.68
C THR C 98 -21.12 -31.59 -5.51
N SER C 99 -22.41 -31.77 -5.75
CA SER C 99 -23.43 -31.53 -4.73
C SER C 99 -23.18 -32.34 -3.48
N LEU C 100 -22.65 -33.56 -3.66
CA LEU C 100 -22.50 -34.50 -2.57
C LEU C 100 -21.40 -34.10 -1.60
N HIS C 101 -20.25 -33.71 -2.14
CA HIS C 101 -19.13 -33.25 -1.31
C HIS C 101 -19.25 -31.78 -0.93
N GLY C 102 -19.73 -30.96 -1.87
CA GLY C 102 -19.92 -29.53 -1.64
C GLY C 102 -18.78 -28.68 -2.16
N TYR C 103 -18.19 -29.08 -3.30
CA TYR C 103 -17.13 -28.29 -3.95
C TYR C 103 -16.72 -28.90 -5.29
N PHE C 104 -16.38 -28.06 -6.25
CA PHE C 104 -15.92 -28.52 -7.55
C PHE C 104 -14.56 -29.18 -7.44
N VAL C 105 -14.53 -30.51 -7.49
CA VAL C 105 -13.29 -31.26 -7.34
C VAL C 105 -12.65 -31.48 -8.70
N PHE C 106 -13.48 -31.57 -9.75
CA PHE C 106 -13.00 -31.77 -11.12
C PHE C 106 -12.07 -30.65 -11.59
N GLY C 107 -12.10 -29.51 -10.91
CA GLY C 107 -11.14 -28.44 -11.14
C GLY C 107 -11.66 -27.36 -12.06
N PRO C 108 -10.78 -26.46 -12.54
CA PRO C 108 -11.18 -25.39 -13.46
C PRO C 108 -11.59 -25.96 -14.81
N THR C 109 -10.77 -26.87 -15.34
CA THR C 109 -11.09 -27.59 -16.58
C THR C 109 -12.43 -28.35 -16.45
N GLY C 110 -12.71 -28.84 -15.25
CA GLY C 110 -13.96 -29.52 -14.94
C GLY C 110 -15.18 -28.63 -15.06
N CYS C 111 -15.05 -27.40 -14.59
CA CYS C 111 -16.12 -26.40 -14.74
C CYS C 111 -16.35 -26.09 -16.22
N ASN C 112 -15.30 -26.15 -17.02
CA ASN C 112 -15.40 -25.91 -18.46
C ASN C 112 -15.96 -27.09 -19.28
N LEU C 113 -16.20 -28.23 -18.62
CA LEU C 113 -16.83 -29.38 -19.28
C LEU C 113 -18.35 -29.35 -19.17
N GLU C 114 -18.85 -29.18 -17.94
CA GLU C 114 -20.29 -29.11 -17.71
C GLU C 114 -20.94 -28.00 -18.54
N GLY C 115 -20.35 -26.81 -18.48
CA GLY C 115 -20.88 -25.64 -19.17
C GLY C 115 -21.00 -25.83 -20.66
N PHE C 116 -19.90 -26.26 -21.29
CA PHE C 116 -19.90 -26.56 -22.72
C PHE C 116 -21.04 -27.51 -23.10
N PHE C 117 -21.31 -28.48 -22.23
CA PHE C 117 -22.38 -29.45 -22.47
C PHE C 117 -23.76 -28.90 -22.08
N ALA C 118 -23.87 -28.34 -20.88
CA ALA C 118 -25.17 -27.91 -20.34
C ALA C 118 -25.80 -26.73 -21.12
N THR C 119 -24.96 -25.91 -21.74
CA THR C 119 -25.44 -24.85 -22.63
C THR C 119 -25.77 -25.43 -24.00
N LEU C 120 -25.05 -26.49 -24.39
CA LEU C 120 -25.27 -27.16 -25.67
C LEU C 120 -26.68 -27.78 -25.72
N GLY C 121 -27.04 -28.51 -24.67
CA GLY C 121 -28.35 -29.15 -24.58
C GLY C 121 -29.51 -28.17 -24.54
N GLY C 122 -29.32 -27.06 -23.83
CA GLY C 122 -30.37 -26.06 -23.67
C GLY C 122 -30.61 -25.26 -24.96
N SER C 128 -33.80 -25.91 -32.36
CA SER C 128 -34.67 -26.95 -32.89
C SER C 128 -36.14 -26.56 -32.86
N LEU C 129 -36.51 -25.72 -31.89
CA LEU C 129 -37.87 -25.17 -31.83
C LEU C 129 -38.14 -24.18 -32.95
N VAL C 130 -37.09 -23.62 -33.55
CA VAL C 130 -37.22 -22.75 -34.73
C VAL C 130 -37.50 -23.59 -35.99
N VAL C 131 -37.23 -24.90 -35.92
CA VAL C 131 -37.67 -25.84 -36.95
C VAL C 131 -39.08 -26.36 -36.62
N LEU C 132 -39.36 -26.60 -35.33
CA LEU C 132 -40.68 -27.07 -34.89
C LEU C 132 -41.78 -26.01 -35.03
N ALA C 133 -41.44 -24.76 -34.73
CA ALA C 133 -42.38 -23.65 -34.88
C ALA C 133 -42.64 -23.34 -36.35
N ILE C 134 -41.67 -23.62 -37.21
CA ILE C 134 -41.75 -23.30 -38.64
C ILE C 134 -42.22 -24.49 -39.49
N GLU C 135 -41.97 -25.72 -39.05
CA GLU C 135 -42.53 -26.91 -39.71
C GLU C 135 -44.05 -26.88 -39.64
N ARG C 136 -44.57 -26.46 -38.49
CA ARG C 136 -46.02 -26.36 -38.25
C ARG C 136 -46.64 -25.15 -38.98
N TYR C 137 -45.85 -24.11 -39.16
CA TYR C 137 -46.32 -22.88 -39.79
C TYR C 137 -46.57 -23.04 -41.28
N VAL C 138 -45.69 -23.80 -41.95
CA VAL C 138 -45.70 -23.92 -43.42
C VAL C 138 -46.66 -25.00 -43.97
N VAL C 139 -47.36 -25.73 -43.09
CA VAL C 139 -48.41 -26.67 -43.53
C VAL C 139 -49.82 -26.32 -43.02
N VAL C 140 -49.93 -25.25 -42.24
CA VAL C 140 -51.22 -24.68 -41.86
C VAL C 140 -51.42 -23.37 -42.63
N CYS C 141 -50.39 -22.52 -42.67
CA CYS C 141 -50.37 -21.31 -43.50
C CYS C 141 -49.47 -21.52 -44.73
N LYS C 142 -49.67 -22.64 -45.42
CA LYS C 142 -48.83 -23.09 -46.52
C LYS C 142 -48.91 -22.14 -47.72
N PRO C 143 -47.83 -21.37 -47.99
CA PRO C 143 -47.85 -20.44 -49.14
C PRO C 143 -47.46 -21.07 -50.48
N MET C 144 -47.00 -22.32 -50.46
CA MET C 144 -46.53 -23.02 -51.67
C MET C 144 -47.10 -24.45 -51.71
N SER C 145 -48.06 -24.66 -52.62
CA SER C 145 -48.86 -25.89 -52.67
C SER C 145 -48.10 -27.20 -52.99
N ASN C 146 -47.62 -27.37 -54.22
CA ASN C 146 -46.99 -28.66 -54.60
C ASN C 146 -45.57 -28.80 -54.01
N PHE C 147 -45.54 -29.22 -52.74
CA PHE C 147 -44.33 -29.29 -51.93
C PHE C 147 -44.54 -30.21 -50.71
N ARG C 148 -43.44 -30.82 -50.23
CA ARG C 148 -43.49 -31.71 -49.07
C ARG C 148 -42.21 -31.63 -48.22
N PHE C 149 -42.38 -31.61 -46.90
CA PHE C 149 -41.27 -31.82 -45.95
C PHE C 149 -41.03 -33.31 -45.81
N GLY C 150 -39.77 -33.72 -45.91
CA GLY C 150 -39.40 -35.14 -45.85
C GLY C 150 -38.14 -35.40 -45.04
N GLU C 151 -37.02 -35.57 -45.74
CA GLU C 151 -35.76 -35.97 -45.10
C GLU C 151 -34.56 -35.09 -45.47
N ASN C 152 -34.53 -34.55 -46.69
CA ASN C 152 -33.55 -33.51 -47.05
C ASN C 152 -33.84 -32.19 -46.32
N HIS C 153 -35.08 -32.04 -45.84
CA HIS C 153 -35.49 -30.90 -45.04
C HIS C 153 -35.44 -31.19 -43.52
N ALA C 154 -35.60 -32.47 -43.16
CA ALA C 154 -35.63 -32.90 -41.75
C ALA C 154 -34.26 -33.30 -41.17
N ILE C 155 -33.26 -33.52 -42.04
CA ILE C 155 -31.88 -33.72 -41.60
C ILE C 155 -31.08 -32.42 -41.69
N MET C 156 -31.37 -31.61 -42.72
CA MET C 156 -30.71 -30.30 -42.90
C MET C 156 -31.41 -29.17 -42.16
N GLY C 157 -32.55 -29.48 -41.55
CA GLY C 157 -33.17 -28.62 -40.54
C GLY C 157 -32.66 -28.96 -39.15
N VAL C 158 -32.32 -30.23 -38.92
CA VAL C 158 -31.73 -30.69 -37.66
C VAL C 158 -30.28 -30.24 -37.52
N ALA C 159 -29.50 -30.36 -38.59
CA ALA C 159 -28.09 -29.96 -38.59
C ALA C 159 -27.90 -28.44 -38.47
N PHE C 160 -28.95 -27.68 -38.77
CA PHE C 160 -28.99 -26.24 -38.51
C PHE C 160 -28.99 -25.93 -37.01
N THR C 161 -29.53 -26.84 -36.21
CA THR C 161 -29.66 -26.66 -34.76
C THR C 161 -28.33 -26.89 -34.05
N TRP C 162 -27.60 -27.94 -34.47
CA TRP C 162 -26.25 -28.18 -33.99
C TRP C 162 -25.33 -27.01 -34.32
N VAL C 163 -25.30 -26.65 -35.60
CA VAL C 163 -24.36 -25.65 -36.14
C VAL C 163 -24.60 -24.22 -35.58
N MET C 164 -25.77 -23.98 -34.99
CA MET C 164 -26.03 -22.71 -34.29
C MET C 164 -25.91 -22.83 -32.76
N ALA C 165 -26.15 -24.02 -32.22
CA ALA C 165 -25.92 -24.29 -30.79
C ALA C 165 -24.43 -24.38 -30.47
N LEU C 166 -23.65 -24.90 -31.43
CA LEU C 166 -22.19 -24.96 -31.32
C LEU C 166 -21.64 -23.56 -31.17
N ALA C 167 -22.14 -22.63 -31.99
CA ALA C 167 -21.73 -21.23 -31.95
C ALA C 167 -22.14 -20.51 -30.68
N CYS C 168 -22.91 -21.19 -29.82
CA CYS C 168 -23.30 -20.64 -28.52
C CYS C 168 -22.40 -21.11 -27.38
N ALA C 169 -21.94 -22.36 -27.44
CA ALA C 169 -21.19 -22.99 -26.34
C ALA C 169 -19.66 -22.91 -26.45
N ALA C 170 -19.15 -22.82 -27.68
CA ALA C 170 -17.71 -22.69 -27.91
C ALA C 170 -17.10 -21.37 -27.42
N PRO C 171 -17.74 -20.22 -27.75
CA PRO C 171 -17.19 -18.89 -27.41
C PRO C 171 -16.45 -18.73 -26.06
N PRO C 172 -17.07 -19.17 -24.94
CA PRO C 172 -16.33 -19.09 -23.67
C PRO C 172 -15.00 -19.87 -23.65
N LEU C 173 -14.95 -21.00 -24.34
CA LEU C 173 -13.73 -21.83 -24.38
C LEU C 173 -12.59 -21.22 -25.22
N VAL C 174 -12.91 -20.31 -26.13
CA VAL C 174 -11.93 -19.79 -27.08
C VAL C 174 -12.13 -18.30 -27.38
N GLY C 175 -12.23 -17.49 -26.33
CA GLY C 175 -12.34 -16.04 -26.48
C GLY C 175 -13.47 -15.43 -25.67
N TRP C 176 -14.67 -15.39 -26.25
CA TRP C 176 -15.80 -14.66 -25.67
C TRP C 176 -16.28 -15.25 -24.32
N SER C 177 -15.81 -14.64 -23.24
CA SER C 177 -16.24 -14.94 -21.88
C SER C 177 -15.66 -16.27 -21.37
N ARG C 178 -16.28 -16.83 -20.35
CA ARG C 178 -15.74 -18.01 -19.66
C ARG C 178 -16.83 -18.73 -18.87
N TYR C 179 -16.70 -20.05 -18.76
CA TYR C 179 -17.56 -20.82 -17.86
C TYR C 179 -17.01 -20.72 -16.44
N ILE C 180 -17.91 -20.69 -15.46
CA ILE C 180 -17.55 -20.38 -14.07
C ILE C 180 -18.68 -20.86 -13.15
N PRO C 181 -18.34 -21.39 -11.96
CA PRO C 181 -19.36 -21.89 -11.05
C PRO C 181 -20.38 -20.86 -10.57
N GLU C 182 -21.61 -21.31 -10.35
CA GLU C 182 -22.75 -20.44 -10.06
C GLU C 182 -23.34 -20.77 -8.68
N GLY C 183 -23.74 -19.74 -7.95
CA GLY C 183 -24.47 -19.91 -6.69
C GLY C 183 -23.80 -20.82 -5.68
N MET C 184 -24.30 -22.06 -5.56
CA MET C 184 -23.73 -23.03 -4.61
C MET C 184 -22.45 -23.69 -5.17
N GLN C 185 -22.01 -23.21 -6.33
CA GLN C 185 -20.75 -23.63 -6.94
C GLN C 185 -20.72 -25.13 -7.19
N CYS C 186 -21.75 -25.62 -7.87
CA CYS C 186 -21.86 -27.01 -8.26
C CYS C 186 -22.28 -27.17 -9.72
N SER C 187 -23.12 -26.27 -10.21
CA SER C 187 -23.33 -26.11 -11.64
C SER C 187 -22.23 -25.21 -12.20
N CYS C 188 -22.18 -25.06 -13.53
CA CYS C 188 -21.23 -24.15 -14.17
C CYS C 188 -21.78 -23.60 -15.48
N GLY C 189 -22.05 -22.30 -15.52
CA GLY C 189 -22.58 -21.63 -16.71
C GLY C 189 -21.74 -20.43 -17.10
N ILE C 190 -22.33 -19.55 -17.90
CA ILE C 190 -21.62 -18.37 -18.41
C ILE C 190 -21.44 -17.33 -17.30
N ASP C 191 -20.41 -16.50 -17.44
CA ASP C 191 -20.17 -15.40 -16.50
C ASP C 191 -21.22 -14.30 -16.67
N TYR C 192 -22.15 -14.22 -15.71
CA TYR C 192 -23.21 -13.20 -15.71
C TYR C 192 -22.89 -12.03 -14.80
N TYR C 193 -21.79 -12.11 -14.05
CA TYR C 193 -21.59 -11.28 -12.87
C TYR C 193 -20.55 -10.17 -13.01
N THR C 194 -19.48 -10.45 -13.76
CA THR C 194 -18.28 -9.62 -13.75
C THR C 194 -17.95 -9.04 -15.12
N PRO C 195 -17.04 -8.04 -15.17
CA PRO C 195 -16.56 -7.54 -16.46
C PRO C 195 -15.49 -8.44 -17.08
N HIS C 196 -14.44 -8.73 -16.31
CA HIS C 196 -13.28 -9.48 -16.81
C HIS C 196 -13.00 -9.12 -18.28
N GLU C 197 -12.66 -7.84 -18.47
CA GLU C 197 -12.39 -7.30 -19.81
C GLU C 197 -11.27 -8.06 -20.51
N GLU C 198 -10.40 -8.69 -19.73
CA GLU C 198 -9.32 -9.55 -20.22
C GLU C 198 -9.82 -10.68 -21.14
N THR C 199 -11.11 -11.02 -21.06
CA THR C 199 -11.68 -12.03 -21.95
C THR C 199 -13.01 -11.62 -22.58
N ASN C 200 -13.33 -10.33 -22.59
CA ASN C 200 -14.54 -9.81 -23.23
C ASN C 200 -15.84 -10.51 -22.79
N ASN C 201 -16.37 -10.15 -21.62
CA ASN C 201 -17.64 -10.71 -21.15
C ASN C 201 -18.84 -9.96 -21.72
N GLU C 202 -18.91 -8.67 -21.42
CA GLU C 202 -20.08 -7.86 -21.75
C GLU C 202 -20.46 -7.99 -23.23
N SER C 203 -19.44 -8.09 -24.09
CA SER C 203 -19.65 -8.21 -25.53
C SER C 203 -20.21 -9.58 -25.98
N PHE C 204 -19.99 -10.62 -25.19
CA PHE C 204 -20.60 -11.92 -25.46
C PHE C 204 -22.06 -11.93 -25.03
N VAL C 205 -22.35 -11.24 -23.93
CA VAL C 205 -23.69 -11.24 -23.32
C VAL C 205 -24.74 -10.59 -24.25
N ILE C 206 -24.38 -9.45 -24.83
CA ILE C 206 -25.24 -8.77 -25.81
C ILE C 206 -25.62 -9.78 -26.90
N TYR C 207 -24.59 -10.36 -27.52
CA TYR C 207 -24.76 -11.37 -28.56
C TYR C 207 -25.61 -12.56 -28.11
N MET C 208 -25.49 -12.94 -26.83
CA MET C 208 -26.24 -14.09 -26.31
C MET C 208 -27.69 -13.75 -25.98
N PHE C 209 -27.94 -12.55 -25.44
CA PHE C 209 -29.30 -12.16 -25.06
C PHE C 209 -30.24 -11.94 -26.25
N VAL C 210 -29.70 -11.46 -27.37
CA VAL C 210 -30.50 -11.23 -28.57
C VAL C 210 -30.47 -12.45 -29.47
N VAL C 211 -29.29 -12.83 -29.94
CA VAL C 211 -29.15 -13.86 -30.96
C VAL C 211 -29.46 -15.26 -30.41
N HIS C 212 -29.07 -15.53 -29.17
CA HIS C 212 -29.29 -16.85 -28.57
C HIS C 212 -30.46 -16.93 -27.57
N PHE C 213 -31.38 -15.97 -27.63
CA PHE C 213 -32.58 -16.01 -26.78
C PHE C 213 -33.77 -15.25 -27.37
N ILE C 214 -33.63 -13.93 -27.51
CA ILE C 214 -34.75 -13.09 -27.95
C ILE C 214 -35.05 -13.24 -29.46
N ILE C 215 -34.04 -13.59 -30.26
CA ILE C 215 -34.25 -13.86 -31.69
C ILE C 215 -35.14 -15.10 -31.88
N PRO C 216 -34.75 -16.27 -31.33
CA PRO C 216 -35.65 -17.43 -31.32
C PRO C 216 -36.97 -17.26 -30.54
N LEU C 217 -37.06 -16.26 -29.66
CA LEU C 217 -38.31 -16.01 -28.92
C LEU C 217 -39.30 -15.17 -29.75
N ILE C 218 -38.80 -14.15 -30.42
CA ILE C 218 -39.63 -13.31 -31.30
C ILE C 218 -40.04 -14.08 -32.56
N VAL C 219 -39.14 -14.90 -33.10
CA VAL C 219 -39.47 -15.78 -34.23
C VAL C 219 -40.55 -16.81 -33.86
N ILE C 220 -40.63 -17.18 -32.58
CA ILE C 220 -41.68 -18.08 -32.08
C ILE C 220 -42.88 -17.31 -31.50
N PHE C 221 -42.88 -15.99 -31.70
CA PHE C 221 -44.09 -15.16 -31.56
C PHE C 221 -44.63 -14.74 -32.93
N PHE C 222 -43.72 -14.62 -33.91
CA PHE C 222 -44.07 -14.13 -35.26
C PHE C 222 -44.83 -15.19 -36.06
N CYS C 223 -44.45 -16.45 -35.90
CA CYS C 223 -45.14 -17.56 -36.56
C CYS C 223 -46.26 -18.13 -35.69
N TYR C 224 -46.13 -17.99 -34.37
CA TYR C 224 -47.24 -18.28 -33.46
C TYR C 224 -48.39 -17.32 -33.73
N GLY C 225 -48.05 -16.07 -34.05
CA GLY C 225 -49.05 -15.02 -34.28
C GLY C 225 -49.88 -15.15 -35.54
N GLN C 226 -49.35 -15.83 -36.56
CA GLN C 226 -50.08 -16.06 -37.82
C GLN C 226 -50.87 -17.37 -37.83
N LEU C 227 -50.78 -18.13 -36.72
CA LEU C 227 -51.60 -19.33 -36.51
C LEU C 227 -52.78 -19.06 -35.56
N VAL C 228 -53.05 -17.77 -35.29
CA VAL C 228 -54.14 -17.36 -34.39
C VAL C 228 -55.51 -17.45 -35.08
N PHE C 229 -55.58 -17.13 -36.37
CA PHE C 229 -56.83 -17.21 -37.15
C PHE C 229 -57.39 -18.63 -37.17
N THR C 230 -56.51 -19.63 -37.11
CA THR C 230 -56.90 -21.04 -37.19
C THR C 230 -57.54 -21.57 -35.91
N VAL C 231 -57.06 -21.08 -34.76
CA VAL C 231 -57.44 -21.61 -33.45
C VAL C 231 -58.96 -21.61 -33.23
N ALA C 236 -58.13 -29.00 -29.47
CA ALA C 236 -58.90 -30.06 -30.12
C ALA C 236 -60.25 -30.25 -29.44
N THR C 243 -62.26 -33.95 -40.11
CA THR C 243 -61.88 -35.33 -39.79
C THR C 243 -60.35 -35.45 -39.74
N THR C 244 -59.69 -34.98 -40.81
CA THR C 244 -58.23 -34.97 -40.90
C THR C 244 -57.61 -33.88 -40.01
N GLN C 245 -58.31 -32.76 -39.86
CA GLN C 245 -57.88 -31.65 -38.98
C GLN C 245 -57.76 -32.09 -37.53
N LYS C 246 -58.84 -32.66 -37.01
CA LYS C 246 -59.04 -32.82 -35.55
C LYS C 246 -58.03 -33.74 -34.86
N ALA C 247 -57.62 -34.80 -35.56
CA ALA C 247 -56.54 -35.66 -35.07
C ALA C 247 -55.21 -34.91 -35.07
N GLU C 248 -55.03 -34.00 -36.03
CA GLU C 248 -53.79 -33.22 -36.18
C GLU C 248 -53.88 -31.81 -35.58
N LYS C 249 -54.82 -31.58 -34.67
CA LYS C 249 -54.89 -30.33 -33.91
C LYS C 249 -54.56 -30.51 -32.42
N GLU C 250 -54.33 -31.76 -32.00
CA GLU C 250 -53.77 -32.07 -30.68
C GLU C 250 -52.25 -32.26 -30.74
N VAL C 251 -51.72 -32.52 -31.94
CA VAL C 251 -50.28 -32.65 -32.16
C VAL C 251 -49.67 -31.25 -32.31
N THR C 252 -50.45 -30.32 -32.83
CA THR C 252 -50.11 -28.90 -32.79
C THR C 252 -50.09 -28.42 -31.35
N ARG C 253 -51.02 -28.93 -30.55
CA ARG C 253 -51.13 -28.58 -29.12
C ARG C 253 -49.94 -29.09 -28.31
N MET C 254 -49.54 -30.33 -28.55
CA MET C 254 -48.41 -30.96 -27.87
C MET C 254 -47.17 -30.06 -27.90
N VAL C 255 -46.84 -29.55 -29.09
CA VAL C 255 -45.73 -28.62 -29.27
C VAL C 255 -45.85 -27.39 -28.36
N ILE C 256 -47.07 -26.86 -28.22
CA ILE C 256 -47.31 -25.69 -27.38
C ILE C 256 -47.05 -26.00 -25.90
N ILE C 257 -47.29 -27.24 -25.49
CA ILE C 257 -47.05 -27.63 -24.10
C ILE C 257 -45.55 -27.68 -23.81
N MET C 258 -44.74 -28.01 -24.82
CA MET C 258 -43.27 -27.95 -24.71
C MET C 258 -42.71 -26.54 -25.02
N VAL C 259 -43.57 -25.64 -25.48
CA VAL C 259 -43.27 -24.22 -25.52
C VAL C 259 -43.63 -23.61 -24.16
N ILE C 260 -44.70 -24.11 -23.55
CA ILE C 260 -45.13 -23.68 -22.21
C ILE C 260 -44.17 -24.18 -21.11
N ALA C 261 -44.03 -25.49 -20.98
CA ALA C 261 -43.19 -26.10 -19.94
C ALA C 261 -41.75 -25.60 -19.99
N PHE C 262 -41.26 -25.31 -21.20
CA PHE C 262 -39.98 -24.64 -21.40
C PHE C 262 -39.96 -23.30 -20.67
N LEU C 263 -40.99 -22.50 -20.91
CA LEU C 263 -41.09 -21.14 -20.36
C LEU C 263 -41.55 -21.08 -18.91
N ILE C 264 -41.90 -22.23 -18.32
CA ILE C 264 -42.10 -22.30 -16.87
C ILE C 264 -40.75 -22.57 -16.20
N CYS C 265 -39.94 -23.42 -16.82
CA CYS C 265 -38.69 -23.88 -16.23
C CYS C 265 -37.52 -22.92 -16.44
N TRP C 266 -37.33 -22.45 -17.67
CA TRP C 266 -36.16 -21.65 -18.04
C TRP C 266 -36.30 -20.14 -17.84
N LEU C 267 -37.51 -19.66 -17.57
CA LEU C 267 -37.74 -18.23 -17.40
C LEU C 267 -37.21 -17.74 -16.04
N PRO C 268 -37.54 -18.43 -14.93
CA PRO C 268 -37.00 -18.02 -13.64
C PRO C 268 -35.48 -17.83 -13.67
N TYR C 269 -34.79 -18.74 -14.35
CA TYR C 269 -33.35 -18.63 -14.55
C TYR C 269 -33.02 -17.48 -15.49
N ALA C 270 -33.66 -17.47 -16.66
CA ALA C 270 -33.41 -16.45 -17.67
C ALA C 270 -33.60 -15.03 -17.12
N GLY C 271 -34.70 -14.83 -16.39
CA GLY C 271 -35.04 -13.52 -15.83
C GLY C 271 -34.14 -13.10 -14.69
N VAL C 272 -33.91 -14.01 -13.75
CA VAL C 272 -32.99 -13.75 -12.64
C VAL C 272 -31.56 -13.51 -13.15
N ALA C 273 -31.19 -14.14 -14.26
CA ALA C 273 -29.89 -13.93 -14.88
C ALA C 273 -29.72 -12.49 -15.35
N PHE C 274 -30.82 -11.90 -15.82
CA PHE C 274 -30.83 -10.49 -16.25
C PHE C 274 -30.78 -9.54 -15.05
N TYR C 275 -31.49 -9.90 -13.98
CA TYR C 275 -31.51 -9.10 -12.73
C TYR C 275 -30.11 -8.93 -12.15
N ILE C 276 -29.32 -10.00 -12.23
CA ILE C 276 -27.94 -9.99 -11.77
C ILE C 276 -27.07 -9.19 -12.75
N PHE C 277 -27.28 -9.37 -14.04
CA PHE C 277 -26.49 -8.65 -15.04
C PHE C 277 -26.75 -7.14 -15.02
N THR C 278 -27.89 -6.72 -14.47
CA THR C 278 -28.16 -5.31 -14.21
C THR C 278 -27.52 -4.90 -12.88
N HIS C 279 -27.76 -5.73 -11.86
CA HIS C 279 -27.23 -5.49 -10.51
C HIS C 279 -25.86 -6.16 -10.35
N GLN C 280 -24.87 -5.64 -11.06
CA GLN C 280 -23.56 -6.28 -11.17
C GLN C 280 -22.77 -6.27 -9.86
N GLY C 281 -23.13 -7.18 -8.96
CA GLY C 281 -22.45 -7.30 -7.67
C GLY C 281 -23.24 -6.79 -6.47
N SER C 282 -24.57 -6.92 -6.53
CA SER C 282 -25.41 -6.62 -5.38
C SER C 282 -25.33 -7.77 -4.37
N ASP C 283 -26.00 -7.64 -3.23
CA ASP C 283 -25.95 -8.66 -2.18
C ASP C 283 -26.92 -9.83 -2.47
N PHE C 284 -26.94 -10.29 -3.71
CA PHE C 284 -27.78 -11.41 -4.11
C PHE C 284 -27.13 -12.71 -3.67
N GLY C 285 -27.93 -13.60 -3.09
CA GLY C 285 -27.43 -14.80 -2.43
C GLY C 285 -26.98 -15.91 -3.36
N PRO C 286 -26.70 -17.10 -2.79
CA PRO C 286 -26.36 -18.30 -3.55
C PRO C 286 -27.60 -19.05 -4.06
N ILE C 287 -28.57 -19.26 -3.16
CA ILE C 287 -29.83 -19.94 -3.49
C ILE C 287 -30.46 -19.27 -4.72
N PHE C 288 -30.59 -17.95 -4.61
CA PHE C 288 -31.17 -17.07 -5.63
C PHE C 288 -30.85 -17.45 -7.08
N MET C 289 -29.59 -17.76 -7.37
CA MET C 289 -29.15 -18.07 -8.72
C MET C 289 -29.15 -19.58 -9.02
N THR C 290 -28.90 -20.39 -7.99
CA THR C 290 -28.83 -21.84 -8.15
C THR C 290 -30.19 -22.43 -8.50
N ILE C 291 -31.15 -22.28 -7.59
CA ILE C 291 -32.44 -22.95 -7.66
C ILE C 291 -33.10 -22.93 -9.05
N PRO C 292 -33.21 -21.74 -9.67
CA PRO C 292 -33.83 -21.71 -10.98
C PRO C 292 -33.06 -22.50 -12.04
N ALA C 293 -31.74 -22.54 -11.93
CA ALA C 293 -30.93 -23.35 -12.84
C ALA C 293 -31.36 -24.82 -12.75
N PHE C 294 -31.33 -25.38 -11.54
CA PHE C 294 -31.67 -26.80 -11.31
C PHE C 294 -33.16 -27.07 -11.53
N PHE C 295 -34.00 -26.06 -11.31
CA PHE C 295 -35.40 -26.14 -11.69
C PHE C 295 -35.54 -26.08 -13.21
N ALA C 296 -34.67 -25.29 -13.85
CA ALA C 296 -34.62 -25.20 -15.31
C ALA C 296 -33.98 -26.44 -15.93
N LYS C 297 -33.12 -27.12 -15.17
CA LYS C 297 -32.40 -28.29 -15.69
C LYS C 297 -33.21 -29.60 -15.66
N THR C 298 -34.53 -29.51 -15.54
CA THR C 298 -35.41 -30.63 -15.82
C THR C 298 -35.68 -30.78 -17.32
N SER C 299 -35.04 -29.92 -18.12
CA SER C 299 -35.22 -29.87 -19.57
C SER C 299 -35.18 -31.24 -20.25
N ALA C 300 -34.27 -32.10 -19.82
CA ALA C 300 -34.03 -33.38 -20.48
C ALA C 300 -35.01 -34.48 -20.08
N VAL C 301 -35.89 -34.20 -19.12
CA VAL C 301 -36.81 -35.22 -18.60
C VAL C 301 -38.25 -35.01 -19.07
N TYR C 302 -38.73 -33.77 -19.16
CA TYR C 302 -40.13 -33.50 -19.53
C TYR C 302 -40.40 -33.58 -21.03
N ASN C 303 -39.35 -33.59 -21.84
CA ASN C 303 -39.50 -33.63 -23.30
C ASN C 303 -40.25 -34.87 -23.81
N PRO C 304 -39.81 -36.08 -23.42
CA PRO C 304 -40.45 -37.29 -23.94
C PRO C 304 -41.67 -37.82 -23.16
N VAL C 305 -41.98 -37.21 -22.01
CA VAL C 305 -43.12 -37.65 -21.19
C VAL C 305 -44.42 -37.23 -21.86
N ILE C 306 -44.49 -35.96 -22.26
CA ILE C 306 -45.65 -35.40 -22.94
C ILE C 306 -45.69 -35.91 -24.39
N TYR C 307 -44.51 -36.21 -24.94
CA TYR C 307 -44.34 -36.85 -26.25
C TYR C 307 -44.96 -38.25 -26.27
N ILE C 308 -45.04 -38.89 -25.10
CA ILE C 308 -45.72 -40.17 -24.95
C ILE C 308 -47.17 -39.99 -24.49
N MET C 309 -47.46 -38.97 -23.69
CA MET C 309 -48.81 -38.75 -23.14
C MET C 309 -49.77 -38.00 -24.09
N MET C 310 -49.32 -37.67 -25.30
CA MET C 310 -50.17 -36.95 -26.27
C MET C 310 -50.20 -37.58 -27.68
N ASN C 311 -49.04 -38.00 -28.19
CA ASN C 311 -48.95 -38.53 -29.56
C ASN C 311 -49.04 -40.06 -29.63
N LYS C 312 -49.96 -40.55 -30.46
CA LYS C 312 -50.25 -41.98 -30.57
C LYS C 312 -49.15 -42.80 -31.26
N GLN C 313 -48.74 -42.36 -32.46
CA GLN C 313 -47.78 -43.09 -33.31
C GLN C 313 -46.50 -43.53 -32.60
N PHE C 314 -46.03 -42.70 -31.67
CA PHE C 314 -44.85 -43.01 -30.87
C PHE C 314 -45.24 -43.71 -29.55
N ARG C 315 -46.29 -43.22 -28.90
CA ARG C 315 -46.80 -43.80 -27.66
C ARG C 315 -46.98 -45.31 -27.77
N ASN C 316 -47.52 -45.74 -28.91
CA ASN C 316 -47.72 -47.16 -29.18
C ASN C 316 -46.38 -47.87 -29.40
N CYS C 317 -45.58 -47.35 -30.34
CA CYS C 317 -44.29 -47.95 -30.71
C CYS C 317 -43.42 -48.26 -29.50
N MET C 318 -43.41 -47.37 -28.51
CA MET C 318 -42.56 -47.54 -27.35
C MET C 318 -42.94 -48.79 -26.56
N VAL C 319 -44.23 -48.94 -26.29
CA VAL C 319 -44.72 -50.10 -25.52
C VAL C 319 -44.50 -51.38 -26.31
N THR C 320 -44.48 -51.29 -27.64
CA THR C 320 -44.31 -52.45 -28.54
C THR C 320 -42.92 -53.08 -28.43
N THR C 321 -41.87 -52.25 -28.49
CA THR C 321 -40.51 -52.71 -28.22
C THR C 321 -40.40 -53.13 -26.75
N LEU C 322 -41.04 -52.34 -25.88
CA LEU C 322 -41.12 -52.64 -24.44
C LEU C 322 -41.84 -53.94 -24.12
N CYS C 323 -42.82 -54.28 -24.95
CA CYS C 323 -43.61 -55.48 -24.76
C CYS C 323 -42.63 -56.66 -24.77
N CYS C 324 -42.11 -56.94 -25.98
CA CYS C 324 -41.47 -58.21 -26.34
C CYS C 324 -42.51 -59.34 -26.36
N GLY C 325 -43.64 -59.05 -27.00
CA GLY C 325 -44.81 -59.95 -27.04
C GLY C 325 -46.07 -59.17 -27.35
N LYS C 326 -46.11 -58.55 -28.53
CA LYS C 326 -47.12 -57.56 -28.90
C LYS C 326 -48.47 -58.13 -29.35
N ASN C 327 -49.46 -57.25 -29.44
CA ASN C 327 -50.78 -57.54 -30.02
C ASN C 327 -51.38 -56.27 -30.65
N PRO C 328 -52.44 -56.40 -31.48
CA PRO C 328 -52.97 -55.26 -32.25
C PRO C 328 -54.00 -54.39 -31.50
N LEU C 329 -53.63 -53.14 -31.22
CA LEU C 329 -54.52 -52.17 -30.57
C LEU C 329 -54.96 -51.06 -31.55
N GLY C 330 -56.17 -50.54 -31.36
CA GLY C 330 -56.74 -49.50 -32.23
C GLY C 330 -58.17 -49.87 -32.60
N ASP C 331 -59.07 -49.81 -31.60
CA ASP C 331 -60.40 -50.43 -31.69
C ASP C 331 -61.49 -49.54 -32.34
N ASP C 332 -62.62 -49.33 -31.66
CA ASP C 332 -63.86 -48.85 -32.32
C ASP C 332 -63.80 -47.42 -32.90
N GLU C 333 -64.80 -47.09 -33.74
CA GLU C 333 -64.74 -45.95 -34.66
C GLU C 333 -65.92 -44.97 -34.51
N ALA C 334 -65.65 -43.69 -34.76
CA ALA C 334 -66.69 -42.66 -34.74
C ALA C 334 -66.21 -41.38 -35.44
C1 NAG D . 25.84 -22.29 21.80
C2 NAG D . 26.15 -22.57 20.32
C3 NAG D . 25.22 -23.63 19.71
C4 NAG D . 24.09 -24.04 20.66
C5 NAG D . 23.51 -22.84 21.44
C6 NAG D . 22.70 -23.28 22.66
C7 NAG D . 26.92 -21.01 18.59
C8 NAG D . 26.57 -19.85 17.70
N2 NAG D . 26.04 -21.34 19.54
O3 NAG D . 25.96 -24.79 19.46
O4 NAG D . 23.03 -24.79 20.06
O5 NAG D . 24.49 -21.91 21.90
O6 NAG D . 22.62 -22.20 23.56
O7 NAG D . 27.98 -21.60 18.40
C1 NAG D . 22.59 -24.51 18.70
C2 NAG D . 21.32 -25.31 18.54
C3 NAG D . 20.73 -25.22 17.15
C4 NAG D . 20.58 -23.77 16.65
C5 NAG D . 21.86 -22.99 17.01
C6 NAG D . 21.67 -21.50 16.72
C7 NAG D . 20.71 -27.24 19.78
C8 NAG D . 20.86 -26.85 21.22
N2 NAG D . 21.55 -26.68 18.93
O3 NAG D . 19.48 -25.88 17.17
O4 NAG D . 20.37 -23.68 15.23
O5 NAG D . 22.26 -23.18 18.36
O6 NAG D . 21.76 -21.25 15.34
O7 NAG D . 19.82 -28.01 19.43
C1 MAN D . 19.02 -23.39 14.74
C2 MAN D . 18.67 -24.39 13.62
C3 MAN D . 18.65 -23.72 12.25
C4 MAN D . 17.61 -22.61 12.25
C5 MAN D . 17.76 -21.71 13.49
C6 MAN D . 16.50 -21.65 14.36
O2 MAN D . 17.42 -25.00 13.86
O3 MAN D . 18.34 -24.68 11.26
O4 MAN D . 17.82 -21.84 11.09
O5 MAN D . 18.91 -22.06 14.27
O6 MAN D . 15.77 -20.47 14.11
C1 NAG E . 38.61 -16.07 30.98
C2 NAG E . 39.89 -15.66 30.23
C3 NAG E . 40.96 -15.07 31.15
C4 NAG E . 40.41 -14.24 32.33
C5 NAG E . 39.13 -14.85 32.88
C6 NAG E . 38.50 -13.98 33.98
C7 NAG E . 40.72 -16.78 28.20
C8 NAG E . 42.03 -16.15 27.79
N2 NAG E . 40.44 -16.80 29.50
O3 NAG E . 41.82 -14.29 30.35
O4 NAG E . 41.34 -14.14 33.40
O5 NAG E . 38.20 -15.02 31.83
O6 NAG E . 38.78 -14.54 35.25
O7 NAG E . 39.99 -17.25 27.33
C1 NAG E . 42.60 -13.51 33.09
C2 NAG E . 43.08 -12.72 34.33
C3 NAG E . 44.58 -12.80 34.69
C4 NAG E . 45.27 -14.05 34.14
C5 NAG E . 44.90 -14.18 32.67
C6 NAG E . 45.68 -15.25 31.92
C7 NAG E . 42.79 -10.42 33.38
C8 NAG E . 41.78 -9.32 33.28
N2 NAG E . 42.61 -11.33 34.35
O3 NAG E . 44.78 -12.74 36.09
O4 NAG E . 46.66 -13.92 34.34
O5 NAG E . 43.52 -14.50 32.64
O6 NAG E . 45.91 -14.84 30.59
O7 NAG E . 43.73 -10.46 32.58
C1 NAG F . -6.43 -14.16 -3.78
C2 NAG F . -6.75 -14.60 -2.35
C3 NAG F . -5.82 -15.70 -1.84
C4 NAG F . -5.48 -16.76 -2.88
C5 NAG F . -5.07 -16.04 -4.15
C6 NAG F . -4.67 -16.99 -5.28
C7 NAG F . -7.06 -13.33 -0.23
C8 NAG F . -7.81 -12.10 0.23
N2 NAG F . -6.71 -13.40 -1.52
O3 NAG F . -6.39 -16.34 -0.72
O4 NAG F . -4.44 -17.62 -2.42
O5 NAG F . -6.17 -15.29 -4.58
O6 NAG F . -3.32 -16.78 -5.62
O7 NAG F . -6.80 -14.20 0.59
C1 NAG F . -4.78 -19.01 -2.22
C2 NAG F . -3.53 -19.86 -2.51
C3 NAG F . -3.67 -21.31 -2.08
C4 NAG F . -4.10 -21.38 -0.63
C5 NAG F . -5.43 -20.63 -0.53
C6 NAG F . -6.05 -20.69 0.86
C7 NAG F . -2.00 -19.46 -4.35
C8 NAG F . -1.11 -20.59 -4.76
N2 NAG F . -3.23 -19.79 -3.92
O3 NAG F . -2.45 -21.98 -2.28
O4 NAG F . -4.22 -22.74 -0.18
O5 NAG F . -5.24 -19.27 -0.89
O6 NAG F . -7.36 -21.21 0.80
O7 NAG F . -1.60 -18.30 -4.41
C1 MAN F . -3.03 -23.28 0.49
C2 MAN F . -2.67 -24.64 -0.12
C3 MAN F . -2.73 -25.85 0.83
C4 MAN F . -3.85 -25.76 1.89
C5 MAN F . -4.18 -24.32 2.30
C6 MAN F . -4.37 -24.21 3.81
O2 MAN F . -1.40 -24.57 -0.76
O3 MAN F . -1.43 -26.25 1.31
O4 MAN F . -5.02 -26.36 1.40
O5 MAN F . -3.18 -23.42 1.88
O6 MAN F . -5.40 -25.09 4.23
C1 BMA F . -0.97 -25.93 2.65
C2 BMA F . -1.14 -27.13 3.62
C3 BMA F . -0.42 -26.89 4.95
C4 BMA F . 1.01 -26.46 4.71
C5 BMA F . 0.99 -25.20 3.86
C6 BMA F . 2.39 -24.62 3.65
O2 BMA F . -0.71 -28.35 3.03
O3 BMA F . -0.44 -28.03 5.79
O4 BMA F . 1.66 -26.20 5.94
O5 BMA F . 0.39 -25.51 2.60
O6 BMA F . 2.93 -24.21 4.89
C1 NAG F . -1.54 -29.54 3.23
C2 NAG F . -0.67 -30.64 3.89
C3 NAG F . -1.42 -31.73 4.67
C4 NAG F . -2.83 -31.37 5.15
C5 NAG F . -3.52 -30.52 4.08
C6 NAG F . -4.97 -30.17 4.42
C7 NAG F . 1.30 -30.71 2.49
C8 NAG F . 1.36 -30.16 1.09
N2 NAG F . 0.14 -31.26 2.87
O3 NAG F . -0.65 -32.12 5.79
O4 NAG F . -3.56 -32.54 5.44
O5 NAG F . -2.75 -29.33 3.96
O6 NAG F . -5.85 -30.71 3.47
O7 NAG F . 2.27 -30.66 3.23
C1 NAG G . -15.90 -1.00 -10.56
C2 NAG G . -17.19 -0.55 -9.87
C3 NAG G . -17.84 0.66 -10.56
C4 NAG G . -17.08 1.20 -11.80
C5 NAG G . -16.41 0.10 -12.63
C6 NAG G . -15.08 0.53 -13.28
C7 NAG G . -18.65 -2.11 -8.67
C8 NAG G . -19.38 -1.13 -7.81
N2 NAG G . -18.14 -1.65 -9.82
O3 NAG G . -18.00 1.70 -9.61
O4 NAG G . -17.99 1.85 -12.69
O5 NAG G . -16.20 -1.12 -11.94
O6 NAG G . -15.30 0.88 -14.63
O7 NAG G . -18.54 -3.29 -8.31
C1 NAG G . -18.41 3.19 -12.34
C2 NAG G . -18.36 4.07 -13.59
C3 NAG G . -18.97 5.46 -13.34
C4 NAG G . -20.37 5.31 -12.73
C5 NAG G . -20.27 4.46 -11.46
C6 NAG G . -21.61 4.29 -10.77
C7 NAG G . -16.69 3.99 -15.42
C8 NAG G . -16.45 5.21 -16.24
N2 NAG G . -16.99 4.19 -14.12
O3 NAG G . -19.06 6.21 -14.54
O4 NAG G . -20.91 6.58 -12.42
O5 NAG G . -19.74 3.18 -11.80
O6 NAG G . -22.57 3.78 -11.67
O7 NAG G . -16.60 2.86 -15.92
C1 NAG H . -10.66 -14.55 3.51
C2 NAG H . -9.90 -14.79 2.21
C3 NAG H . -8.82 -15.87 2.39
C4 NAG H . -7.93 -15.54 3.59
C5 NAG H . -8.83 -15.38 4.80
C6 NAG H . -8.02 -15.14 6.08
C7 NAG H . -10.44 -15.35 -0.09
C8 NAG H . -10.51 -14.16 -1.01
N2 NAG H . -10.83 -15.17 1.16
O3 NAG H . -8.02 -15.99 1.24
O4 NAG H . -6.96 -16.55 3.83
O5 NAG H . -9.74 -14.30 4.56
O6 NAG H . -7.34 -16.32 6.46
O7 NAG H . -10.05 -16.44 -0.51
C1 NAG H . -5.67 -16.25 3.26
C2 NAG H . -4.73 -15.65 4.31
C3 NAG H . -3.66 -16.65 4.77
C4 NAG H . -2.89 -17.26 3.59
C5 NAG H . -3.73 -17.18 2.32
C6 NAG H . -3.28 -18.21 1.30
C7 NAG H . -3.42 -13.57 4.58
C8 NAG H . -3.91 -13.28 5.97
N2 NAG H . -4.13 -14.40 3.82
O3 NAG H . -4.33 -17.68 5.46
O4 NAG H . -1.67 -16.58 3.31
O5 NAG H . -5.08 -17.40 2.68
O6 NAG H . -3.41 -17.64 0.03
O7 NAG H . -2.38 -13.04 4.17
C1 MAN H . -0.54 -16.89 4.18
C2 MAN H . 0.69 -17.10 3.27
C3 MAN H . 1.03 -18.59 3.06
C4 MAN H . 1.15 -19.24 4.43
C5 MAN H . -0.23 -19.22 5.07
C6 MAN H . -0.23 -19.88 6.45
O2 MAN H . 1.76 -16.38 3.83
O3 MAN H . 2.13 -18.86 2.19
O4 MAN H . 1.58 -20.58 4.27
O5 MAN H . -0.76 -17.89 5.17
O6 MAN H . 0.07 -18.94 7.46
C1 MAN H . 3.42 -18.34 2.57
C2 MAN H . 3.82 -17.26 1.58
C3 MAN H . 4.22 -17.84 0.22
C4 MAN H . 5.23 -18.96 0.37
C5 MAN H . 4.82 -19.98 1.43
C6 MAN H . 6.00 -20.90 1.72
O2 MAN H . 4.87 -16.48 2.11
O3 MAN H . 4.77 -16.83 -0.60
O4 MAN H . 5.39 -19.60 -0.89
O5 MAN H . 4.43 -19.35 2.64
O6 MAN H . 5.70 -21.80 2.76
C1 NAG I . -23.88 -4.67 -2.34
C2 NAG I . -23.82 -3.28 -3.00
C3 NAG I . -24.75 -2.23 -2.40
C4 NAG I . -26.12 -2.84 -2.13
C5 NAG I . -25.89 -4.00 -1.16
C6 NAG I . -27.20 -4.54 -0.59
C7 NAG I . -21.67 -2.71 -4.01
C8 NAG I . -20.93 -1.43 -4.25
N2 NAG I . -22.45 -2.78 -2.94
O3 NAG I . -24.87 -1.13 -3.29
O4 NAG I . -27.07 -1.88 -1.64
O5 NAG I . -25.16 -5.02 -1.82
O6 NAG I . -27.66 -3.73 0.48
O7 NAG I . -21.54 -3.65 -4.80
C1 NAG I . -28.01 -1.41 -2.65
C2 NAG I . -29.42 -1.25 -2.06
C3 NAG I . -30.36 -0.34 -2.86
C4 NAG I . -29.66 0.77 -3.67
C5 NAG I . -28.37 0.25 -4.30
C6 NAG I . -27.65 1.34 -5.09
C7 NAG I . -30.63 -3.10 -0.86
C8 NAG I . -30.93 -2.22 0.32
N2 NAG I . -30.06 -2.56 -1.96
O3 NAG I . -31.31 0.29 -2.02
O4 NAG I . -30.54 1.24 -4.67
O5 NAG I . -27.55 -0.21 -3.25
O6 NAG I . -26.51 0.80 -5.72
O7 NAG I . -30.93 -4.29 -0.81
#